data_4AOF
#
_entry.id   4AOF
#
_cell.length_a   142.771
_cell.length_b   68.047
_cell.length_c   109.873
_cell.angle_alpha   90.00
_cell.angle_beta   94.61
_cell.angle_gamma   90.00
#
_symmetry.space_group_name_H-M   'C 1 2 1'
#
loop_
_entity.id
_entity.type
_entity.pdbx_description
1 polymer 'PHOSPHATIDYLINOSITOL-4,5-BISPHOSPHATE 3-KINASE CATALYTIC SUBUNIT GAMMA ISOFORM'
2 non-polymer N-[6-(5-methylsulfonylpyridin-3-yl)-[1,2,4]triazolo[1,5-a]pyridin-2-yl]ethanamide
3 water water
#
_entity_poly.entity_id   1
_entity_poly.type   'polypeptide(L)'
_entity_poly.pdbx_seq_one_letter_code
;MSEESQAFQRQLTALIGYDVTDVSNVHDDELEFTRRGLVTPRMAEVASRDPKLYAMHPWVTSKPLPEYLWKKIANNCIFI
VIHRSTTSQTIKVSPDDTPGAILQSFFTKMAKKKSLMDIPESQSEQDFVLRVCGRDEYLVGETPIKNFQWVRHCLKNGEE
IHVVLDTPPDPALDEVRKEEWPLVDDCTGVTGYHEQLTIHGKDHESVFTVSLWDCDRKFRVKIRGIDIPVLPRNTDLTVF
VEANIQHGQQVLCQRRTSPKPFTEEVLWNVWLEFSIKIKDLPKGALLNLQIYCGKAPALSSKASAESPSSESKGKVQLLY
YVNLLLIDHRFLLRRGEYVLHMWQISGKGEDQGSFNADKLTSATNPDKENSMSISILLDNYCHPIALPKHQPTPDPEGDR
VRAEMPNQLRKQLEAIIATDPLNPLTAEDKELLWHFRYESLKHPKAYPKLFSSVKWGQQEIVAKTYQLLARREVWDQSAL
DVGLTMQLLDCNFSDENVRAIAVQKLESLEDDDVLHYLLQLVQAVKFEPYHDSALARFLLKRGLRNKRIGHFLFWFLRSE
IAQSRHYQQRFAVILEAYLRGCGTAMLHDFTQQVQVIEMLQKVTLDIKSLSAEKYDVSSQVISQLKQKLENLQNSQLPES
FRVPYDPGLKAGALAIEKCKVMASKKKPLWLEFKCADPTALSNETIGIIFKHGDDLRQDMLILQILRIMESIWETESLDL
CLLPYGCISTGDKIGMIEIVKDATTIAKIQQSTVGNTGAFKDEVLNHWLKEKSPTEEKFQAAVERFVYSCAGYCVATFVL
GIGDRHNDNIMITETGNLFHIDFGHILGNYKSFLGINKERVPFVLTPDFLFVMGTSGKKTSPHFQKFQDICVKAYLALRH
HTNLLIILFSMMLMTGMPQLTSKEDIEYIRDALTVGKNEEDAKKYFLDQIEVCRDKGWTVQFNWFLHLVLGIKQGEKHSA
;
_entity_poly.pdbx_strand_id   A
#
loop_
_chem_comp.id
_chem_comp.type
_chem_comp.name
_chem_comp.formula
7L0 non-polymer N-[6-(5-methylsulfonylpyridin-3-yl)-[1,2,4]triazolo[1,5-a]pyridin-2-yl]ethanamide 'C14 H13 N5 O3 S'
#
# COMPACT_ATOMS: atom_id res chain seq x y z
N MET A 1 -30.56 -6.54 -19.91
CA MET A 1 -32.04 -6.56 -20.09
C MET A 1 -32.55 -7.89 -20.68
N SER A 2 -31.64 -8.72 -21.19
CA SER A 2 -31.99 -10.02 -21.77
C SER A 2 -30.94 -11.12 -21.51
N GLU A 3 -31.12 -12.27 -22.16
CA GLU A 3 -30.30 -13.48 -21.95
C GLU A 3 -28.79 -13.24 -22.02
N GLU A 4 -28.33 -12.70 -23.14
CA GLU A 4 -26.90 -12.42 -23.34
C GLU A 4 -26.44 -11.20 -22.51
N SER A 5 -27.39 -10.35 -22.12
CA SER A 5 -27.11 -9.18 -21.29
C SER A 5 -27.28 -9.45 -19.77
N GLN A 6 -27.45 -10.72 -19.42
CA GLN A 6 -27.48 -11.17 -18.02
C GLN A 6 -26.30 -12.10 -17.71
N ALA A 7 -25.65 -12.59 -18.77
CA ALA A 7 -24.46 -13.44 -18.65
C ALA A 7 -23.25 -12.62 -18.21
N PHE A 8 -23.26 -11.33 -18.53
CA PHE A 8 -22.23 -10.37 -18.13
C PHE A 8 -22.04 -10.37 -16.62
N GLN A 9 -23.15 -10.45 -15.89
CA GLN A 9 -23.14 -10.41 -14.44
C GLN A 9 -22.50 -11.65 -13.78
N ARG A 10 -22.71 -12.82 -14.35
CA ARG A 10 -22.11 -14.05 -13.80
C ARG A 10 -20.60 -14.13 -14.10
N GLN A 11 -20.08 -13.10 -14.77
CA GLN A 11 -18.65 -13.00 -15.04
C GLN A 11 -17.98 -12.03 -14.07
N LEU A 12 -18.48 -10.79 -14.07
CA LEU A 12 -17.98 -9.75 -13.16
C LEU A 12 -17.74 -10.36 -11.79
N THR A 13 -18.81 -10.90 -11.21
CA THR A 13 -18.75 -11.59 -9.92
C THR A 13 -17.55 -12.52 -9.86
N ALA A 14 -17.51 -13.52 -10.74
CA ALA A 14 -16.39 -14.46 -10.79
C ALA A 14 -15.03 -13.76 -10.73
N LEU A 15 -14.99 -12.51 -11.23
CA LEU A 15 -13.77 -11.71 -11.20
C LEU A 15 -13.60 -10.86 -9.93
N ILE A 16 -14.70 -10.48 -9.29
CA ILE A 16 -14.60 -9.64 -8.08
C ILE A 16 -14.40 -10.52 -6.86
N GLY A 17 -15.01 -11.71 -6.86
CA GLY A 17 -14.99 -12.58 -5.70
C GLY A 17 -16.07 -12.25 -4.69
N TYR A 18 -17.13 -11.59 -5.16
CA TYR A 18 -18.33 -11.31 -4.36
C TYR A 18 -19.47 -10.80 -5.25
N ASP A 19 -20.63 -11.44 -5.12
CA ASP A 19 -21.80 -11.07 -5.88
C ASP A 19 -22.41 -9.79 -5.32
N VAL A 20 -22.30 -8.70 -6.08
CA VAL A 20 -22.82 -7.39 -5.66
C VAL A 20 -24.35 -7.30 -5.75
N THR A 21 -24.97 -8.39 -6.21
CA THR A 21 -26.42 -8.45 -6.31
C THR A 21 -27.00 -9.35 -5.21
N ASP A 22 -26.09 -10.08 -4.56
CA ASP A 22 -26.45 -10.90 -3.40
C ASP A 22 -26.71 -10.00 -2.18
N VAL A 23 -27.95 -10.03 -1.70
CA VAL A 23 -28.34 -9.22 -0.55
C VAL A 23 -28.52 -10.10 0.71
N SER A 24 -27.49 -10.12 1.55
CA SER A 24 -27.50 -10.89 2.80
C SER A 24 -26.51 -10.31 3.83
N ASN A 25 -26.33 -8.99 3.78
CA ASN A 25 -25.62 -8.23 4.80
C ASN A 25 -26.01 -6.77 4.67
N VAL A 26 -27.31 -6.55 4.57
CA VAL A 26 -27.83 -5.29 4.09
C VAL A 26 -29.12 -4.90 4.82
N HIS A 27 -29.01 -3.88 5.66
CA HIS A 27 -30.19 -3.30 6.29
C HIS A 27 -30.78 -2.16 5.45
N ASP A 28 -30.14 -1.83 4.33
CA ASP A 28 -30.65 -0.85 3.36
C ASP A 28 -29.91 -0.81 2.02
N ASP A 29 -30.26 0.20 1.22
CA ASP A 29 -29.81 0.34 -0.17
C ASP A 29 -28.80 1.48 -0.37
N GLU A 30 -27.80 1.57 0.52
CA GLU A 30 -26.61 2.37 0.21
C GLU A 30 -25.86 1.61 -0.88
N LEU A 31 -25.81 0.28 -0.71
CA LEU A 31 -25.51 -0.70 -1.74
C LEU A 31 -25.70 -0.13 -3.15
N GLU A 32 -26.97 -0.03 -3.58
CA GLU A 32 -27.27 0.41 -4.94
C GLU A 32 -26.89 1.88 -5.17
N PHE A 33 -27.43 2.77 -4.30
CA PHE A 33 -27.17 4.20 -4.42
C PHE A 33 -25.67 4.54 -4.53
N THR A 34 -24.81 3.56 -4.25
CA THR A 34 -23.39 3.75 -4.50
C THR A 34 -23.11 3.38 -5.94
N ARG A 35 -23.47 2.15 -6.31
CA ARG A 35 -23.28 1.64 -7.67
C ARG A 35 -23.85 2.60 -8.70
N ARG A 36 -25.11 2.96 -8.49
CA ARG A 36 -25.78 3.96 -9.32
C ARG A 36 -25.05 5.29 -9.20
N GLY A 37 -24.84 5.73 -7.96
CA GLY A 37 -24.12 6.97 -7.70
C GLY A 37 -22.74 6.99 -8.32
N LEU A 38 -22.48 6.00 -9.18
CA LEU A 38 -21.16 5.85 -9.78
C LEU A 38 -21.20 5.75 -11.30
N VAL A 39 -22.37 5.65 -11.90
CA VAL A 39 -22.46 5.54 -13.37
C VAL A 39 -21.88 6.79 -13.99
N THR A 40 -22.32 7.95 -13.47
CA THR A 40 -21.86 9.25 -13.91
C THR A 40 -20.34 9.38 -13.77
N PRO A 41 -19.82 9.37 -12.53
CA PRO A 41 -18.37 9.40 -12.29
C PRO A 41 -17.57 8.54 -13.28
N ARG A 42 -18.05 7.32 -13.51
CA ARG A 42 -17.44 6.38 -14.47
C ARG A 42 -17.44 6.98 -15.88
N MET A 43 -18.61 7.00 -16.50
CA MET A 43 -18.69 7.29 -17.93
C MET A 43 -18.46 8.76 -18.26
N ALA A 44 -18.29 9.57 -17.21
CA ALA A 44 -17.86 10.95 -17.38
C ALA A 44 -16.40 10.97 -17.78
N GLU A 45 -15.62 10.10 -17.14
CA GLU A 45 -14.21 9.96 -17.43
C GLU A 45 -14.02 9.12 -18.69
N VAL A 46 -14.74 7.99 -18.73
CA VAL A 46 -14.70 7.05 -19.86
C VAL A 46 -14.64 7.79 -21.19
N ALA A 47 -15.57 8.72 -21.38
CA ALA A 47 -15.61 9.55 -22.56
C ALA A 47 -14.38 10.47 -22.62
N SER A 48 -14.19 11.24 -21.55
CA SER A 48 -13.17 12.30 -21.51
C SER A 48 -11.75 11.89 -21.88
N ARG A 49 -11.38 10.64 -21.60
CA ARG A 49 -10.03 10.16 -21.91
C ARG A 49 -9.79 9.88 -23.41
N ASP A 50 -8.69 10.43 -23.92
CA ASP A 50 -8.24 10.24 -25.31
C ASP A 50 -7.87 8.77 -25.58
N PRO A 51 -8.64 8.07 -26.43
CA PRO A 51 -8.55 6.61 -26.61
C PRO A 51 -7.17 6.06 -27.00
N LYS A 52 -6.50 6.74 -27.93
CA LYS A 52 -5.12 6.41 -28.31
C LYS A 52 -4.19 6.59 -27.11
N LEU A 53 -4.43 7.64 -26.34
CA LEU A 53 -3.62 7.91 -25.15
C LEU A 53 -3.90 6.92 -24.00
N TYR A 54 -5.14 6.44 -23.90
CA TYR A 54 -5.47 5.40 -22.91
C TYR A 54 -4.72 4.10 -23.22
N ALA A 55 -4.82 3.65 -24.47
CA ALA A 55 -4.20 2.39 -24.89
C ALA A 55 -2.66 2.39 -24.90
N MET A 56 -2.04 3.58 -24.99
CA MET A 56 -0.58 3.64 -25.12
C MET A 56 0.14 4.14 -23.85
N HIS A 57 -0.64 4.53 -22.84
CA HIS A 57 -0.17 4.81 -21.47
C HIS A 57 1.35 5.01 -21.36
N PRO A 58 1.84 6.21 -21.71
CA PRO A 58 3.28 6.44 -21.72
C PRO A 58 3.78 6.91 -20.36
N TRP A 59 4.45 6.05 -19.62
CA TRP A 59 4.84 6.35 -18.23
C TRP A 59 5.82 7.52 -18.14
N VAL A 60 5.29 8.69 -17.80
CA VAL A 60 6.02 9.95 -17.90
C VAL A 60 6.00 10.74 -16.60
N THR A 61 7.16 11.29 -16.23
CA THR A 61 7.25 12.17 -15.05
C THR A 61 7.50 13.61 -15.47
N SER A 62 7.42 14.53 -14.51
CA SER A 62 7.74 15.94 -14.76
C SER A 62 8.63 16.54 -13.69
N LYS A 63 9.03 15.70 -12.73
CA LYS A 63 9.95 16.08 -11.67
C LYS A 63 11.34 16.38 -12.25
N PRO A 64 12.13 17.26 -11.57
CA PRO A 64 13.48 17.59 -12.07
C PRO A 64 14.36 16.35 -12.20
N LEU A 65 15.21 16.33 -13.21
CA LEU A 65 16.08 15.18 -13.44
C LEU A 65 17.18 15.15 -12.38
N PRO A 66 17.32 13.99 -11.68
CA PRO A 66 18.27 13.73 -10.59
C PRO A 66 19.69 14.23 -10.86
N GLU A 67 20.29 14.88 -9.85
CA GLU A 67 21.64 15.44 -9.97
C GLU A 67 22.76 14.41 -10.04
N TYR A 68 22.48 13.20 -9.56
CA TYR A 68 23.44 12.09 -9.66
C TYR A 68 23.39 11.42 -11.04
N LEU A 69 22.39 11.80 -11.83
CA LEU A 69 22.25 11.28 -13.19
C LEU A 69 22.43 12.36 -14.25
N TRP A 70 21.97 13.58 -13.96
CA TRP A 70 22.10 14.72 -14.87
C TRP A 70 23.55 15.14 -15.03
N LYS A 71 24.28 15.10 -13.92
CA LYS A 71 25.73 15.21 -13.92
C LYS A 71 26.33 13.96 -14.57
N LYS A 72 25.64 12.83 -14.40
CA LYS A 72 26.07 11.53 -14.93
C LYS A 72 25.79 11.39 -16.44
N ILE A 73 25.13 12.39 -17.03
CA ILE A 73 25.09 12.51 -18.48
C ILE A 73 26.49 12.94 -18.92
N ALA A 74 27.39 11.97 -19.06
CA ALA A 74 28.82 12.19 -19.26
C ALA A 74 29.14 12.91 -20.58
N ASN A 75 28.72 12.30 -21.68
CA ASN A 75 28.87 12.88 -23.01
C ASN A 75 27.85 13.99 -23.31
N ASN A 76 26.90 14.17 -22.38
CA ASN A 76 25.86 15.20 -22.46
C ASN A 76 24.71 14.88 -23.43
N CYS A 77 24.73 13.67 -23.98
CA CYS A 77 23.71 13.22 -24.94
C CYS A 77 23.26 11.81 -24.63
N ILE A 78 22.13 11.41 -25.23
CA ILE A 78 21.55 10.08 -25.01
C ILE A 78 21.61 9.26 -26.28
N PHE A 79 21.55 7.93 -26.13
CA PHE A 79 21.56 7.01 -27.27
C PHE A 79 20.45 5.96 -27.18
N ILE A 80 19.77 5.74 -28.31
CA ILE A 80 18.60 4.85 -28.39
C ILE A 80 18.70 3.88 -29.56
N VAL A 81 18.43 2.60 -29.28
CA VAL A 81 18.52 1.54 -30.29
C VAL A 81 17.13 1.03 -30.67
N ILE A 82 16.90 0.90 -31.98
CA ILE A 82 15.58 0.55 -32.49
C ILE A 82 15.65 -0.64 -33.46
N HIS A 83 14.80 -1.66 -33.23
CA HIS A 83 14.84 -2.93 -33.95
C HIS A 83 13.67 -3.14 -34.92
N ARG A 84 13.80 -4.13 -35.80
CA ARG A 84 12.72 -4.59 -36.67
C ARG A 84 12.76 -6.13 -36.68
N SER A 85 13.58 -6.69 -37.56
CA SER A 85 13.86 -8.13 -37.56
C SER A 85 15.36 -8.33 -37.33
N THR A 86 16.16 -8.04 -38.37
CA THR A 86 17.62 -8.08 -38.28
C THR A 86 18.16 -6.67 -38.01
N THR A 87 17.86 -5.73 -38.91
CA THR A 87 18.31 -4.34 -38.82
C THR A 87 17.86 -3.72 -37.49
N SER A 88 18.77 -2.94 -36.88
CA SER A 88 18.52 -2.32 -35.57
C SER A 88 19.52 -1.19 -35.23
N GLN A 89 19.46 -0.10 -36.00
CA GLN A 89 20.41 1.03 -35.87
C GLN A 89 20.38 1.72 -34.51
N THR A 90 21.55 2.19 -34.06
CA THR A 90 21.69 2.98 -32.84
C THR A 90 21.70 4.46 -33.20
N ILE A 91 21.10 5.29 -32.36
CA ILE A 91 20.93 6.71 -32.67
C ILE A 91 21.34 7.66 -31.54
N LYS A 92 21.99 8.74 -31.92
CA LYS A 92 22.37 9.84 -31.02
C LYS A 92 21.19 10.80 -30.82
N VAL A 93 20.89 11.11 -29.55
CA VAL A 93 19.69 11.92 -29.20
C VAL A 93 19.98 12.97 -28.11
N SER A 94 19.27 14.10 -28.20
CA SER A 94 19.37 15.19 -27.21
C SER A 94 18.26 15.14 -26.15
N PRO A 95 18.60 15.48 -24.89
CA PRO A 95 17.64 15.58 -23.78
C PRO A 95 16.63 16.70 -24.00
N ASP A 96 15.90 16.58 -25.11
CA ASP A 96 14.90 17.53 -25.56
C ASP A 96 14.07 16.78 -26.59
N ASP A 97 14.74 15.91 -27.34
CA ASP A 97 14.15 15.13 -28.44
C ASP A 97 12.85 14.40 -28.07
N THR A 98 11.73 14.94 -28.55
CA THR A 98 10.41 14.33 -28.41
C THR A 98 10.42 12.87 -28.93
N PRO A 99 9.80 11.94 -28.18
CA PRO A 99 9.64 10.55 -28.62
C PRO A 99 8.78 10.43 -29.87
N GLY A 100 7.97 11.46 -30.14
CA GLY A 100 7.23 11.57 -31.39
C GLY A 100 8.15 12.06 -32.50
N ALA A 101 8.94 13.08 -32.19
CA ALA A 101 9.80 13.75 -33.18
C ALA A 101 11.05 12.97 -33.61
N ILE A 102 11.52 12.05 -32.77
CA ILE A 102 12.72 11.26 -33.08
C ILE A 102 12.52 10.27 -34.24
N LEU A 103 11.37 10.41 -34.91
CA LEU A 103 11.11 9.67 -36.14
C LEU A 103 11.10 10.63 -37.33
N GLN A 104 10.95 11.92 -37.06
CA GLN A 104 11.11 12.94 -38.10
C GLN A 104 12.59 13.25 -38.40
N SER A 105 13.47 12.54 -37.69
CA SER A 105 14.89 12.52 -38.01
C SER A 105 15.34 11.07 -38.18
N PHE A 106 14.41 10.22 -38.63
CA PHE A 106 14.66 8.80 -38.89
C PHE A 106 13.84 8.29 -40.09
N PHE A 107 12.79 9.04 -40.43
CA PHE A 107 11.92 8.74 -41.59
C PHE A 107 12.02 9.82 -42.68
N THR A 108 12.80 10.87 -42.40
CA THR A 108 13.14 11.94 -43.35
C THR A 108 14.65 12.01 -43.53
N LYS A 109 15.36 11.83 -42.42
CA LYS A 109 16.83 11.91 -42.37
C LYS A 109 17.53 10.57 -42.67
N MET A 110 16.74 9.49 -42.84
CA MET A 110 17.28 8.18 -43.17
C MET A 110 16.55 7.44 -44.31
N ALA A 111 15.35 7.92 -44.66
CA ALA A 111 14.54 7.31 -45.73
C ALA A 111 15.21 7.40 -47.10
N GLU A 125 3.50 7.35 -43.17
CA GLU A 125 4.94 7.44 -42.95
C GLU A 125 5.30 7.77 -41.50
N GLN A 126 4.37 8.43 -40.81
CA GLN A 126 4.54 8.77 -39.38
C GLN A 126 3.44 8.12 -38.53
N ASP A 127 3.05 6.90 -38.91
CA ASP A 127 1.90 6.23 -38.29
C ASP A 127 2.25 4.98 -37.49
N PHE A 128 3.54 4.68 -37.34
CA PHE A 128 4.00 3.62 -36.45
C PHE A 128 4.76 4.21 -35.26
N VAL A 129 4.52 3.64 -34.08
CA VAL A 129 5.07 4.19 -32.83
C VAL A 129 6.24 3.38 -32.23
N LEU A 130 6.94 3.99 -31.27
CA LEU A 130 8.08 3.36 -30.60
C LEU A 130 7.61 2.58 -29.39
N ARG A 131 7.99 1.29 -29.33
CA ARG A 131 7.62 0.44 -28.21
C ARG A 131 8.88 0.14 -27.38
N VAL A 132 8.79 -0.79 -26.43
CA VAL A 132 9.99 -1.31 -25.78
C VAL A 132 10.14 -2.82 -25.95
N CYS A 133 11.36 -3.21 -26.31
CA CYS A 133 11.70 -4.59 -26.57
C CYS A 133 11.45 -5.43 -25.33
N GLY A 134 10.37 -6.19 -25.37
CA GLY A 134 9.98 -7.08 -24.27
C GLY A 134 8.69 -6.72 -23.55
N ARG A 135 8.45 -5.42 -23.36
CA ARG A 135 7.39 -4.96 -22.48
C ARG A 135 6.15 -4.37 -23.17
N ASP A 136 5.09 -4.17 -22.39
CA ASP A 136 3.84 -3.61 -22.87
C ASP A 136 3.85 -2.10 -22.72
N GLU A 137 5.03 -1.52 -22.92
CA GLU A 137 5.26 -0.10 -22.71
C GLU A 137 5.18 0.66 -24.03
N TYR A 138 4.93 1.96 -23.96
CA TYR A 138 4.97 2.82 -25.15
C TYR A 138 5.62 4.17 -24.83
N LEU A 139 6.41 4.66 -25.78
CA LEU A 139 7.05 5.97 -25.67
C LEU A 139 6.45 6.93 -26.68
N VAL A 140 5.27 7.44 -26.34
CA VAL A 140 4.52 8.36 -27.22
C VAL A 140 4.24 9.66 -26.47
N GLY A 141 4.02 10.73 -27.23
CA GLY A 141 3.61 11.99 -26.65
C GLY A 141 4.67 13.06 -26.69
N GLU A 142 4.24 14.27 -26.36
CA GLU A 142 5.11 15.44 -26.43
C GLU A 142 5.63 15.79 -25.02
N THR A 143 6.37 14.86 -24.42
CA THR A 143 7.12 15.09 -23.19
C THR A 143 8.48 14.38 -23.30
N PRO A 144 9.58 15.16 -23.36
CA PRO A 144 10.93 14.72 -23.73
C PRO A 144 11.27 13.28 -23.34
N ILE A 145 12.18 12.68 -24.10
CA ILE A 145 12.74 11.37 -23.79
C ILE A 145 13.04 11.19 -22.32
N LYS A 146 13.81 12.13 -21.78
CA LYS A 146 14.29 12.09 -20.41
C LYS A 146 13.14 12.09 -19.39
N ASN A 147 11.94 12.38 -19.87
CA ASN A 147 10.75 12.38 -19.01
C ASN A 147 9.94 11.09 -19.04
N PHE A 148 10.53 10.03 -19.61
CA PHE A 148 9.90 8.72 -19.64
C PHE A 148 10.46 7.83 -18.54
N GLN A 149 9.58 7.23 -17.74
CA GLN A 149 10.03 6.49 -16.55
C GLN A 149 10.62 5.10 -16.81
N TRP A 150 10.49 4.64 -18.05
CA TRP A 150 11.25 3.48 -18.47
C TRP A 150 12.69 3.91 -18.76
N VAL A 151 12.82 5.06 -19.46
CA VAL A 151 14.12 5.63 -19.78
C VAL A 151 14.88 6.04 -18.52
N ARG A 152 14.20 6.75 -17.62
CA ARG A 152 14.82 7.16 -16.38
C ARG A 152 15.36 5.94 -15.63
N HIS A 153 14.48 4.96 -15.36
CA HIS A 153 14.88 3.72 -14.69
C HIS A 153 16.02 2.97 -15.40
N CYS A 154 16.13 3.15 -16.72
CA CYS A 154 17.23 2.57 -17.48
C CYS A 154 18.52 3.32 -17.23
N LEU A 155 18.47 4.64 -17.40
CA LEU A 155 19.65 5.50 -17.25
C LEU A 155 20.12 5.57 -15.80
N LYS A 156 19.13 5.58 -14.88
CA LYS A 156 19.43 5.48 -13.44
C LYS A 156 20.44 4.36 -13.17
N ASN A 157 20.09 3.15 -13.59
CA ASN A 157 21.00 2.02 -13.53
C ASN A 157 21.97 2.06 -14.71
N GLY A 158 21.64 2.89 -15.71
CA GLY A 158 22.52 3.14 -16.85
C GLY A 158 22.60 1.97 -17.82
N GLU A 159 21.50 1.72 -18.54
CA GLU A 159 21.46 0.65 -19.56
C GLU A 159 21.23 1.18 -20.97
N GLU A 160 21.36 0.30 -21.96
CA GLU A 160 21.01 0.61 -23.34
C GLU A 160 19.48 0.57 -23.46
N ILE A 161 18.97 1.27 -24.47
CA ILE A 161 17.53 1.52 -24.59
C ILE A 161 16.99 0.92 -25.88
N HIS A 162 16.33 -0.22 -25.75
CA HIS A 162 15.95 -1.04 -26.89
C HIS A 162 14.48 -0.91 -27.23
N VAL A 163 14.22 -0.35 -28.41
CA VAL A 163 12.88 -0.09 -28.91
C VAL A 163 12.63 -0.93 -30.17
N VAL A 164 11.37 -1.32 -30.40
CA VAL A 164 10.98 -1.97 -31.66
C VAL A 164 9.72 -1.33 -32.24
N LEU A 165 9.82 -0.88 -33.48
CA LEU A 165 8.72 -0.16 -34.15
C LEU A 165 7.55 -1.10 -34.46
N ASP A 166 6.35 -0.71 -34.00
CA ASP A 166 5.10 -1.41 -34.36
C ASP A 166 3.85 -0.56 -34.14
N THR A 167 2.81 -0.88 -34.91
CA THR A 167 1.53 -0.15 -34.96
C THR A 167 1.02 0.31 -33.59
N PRO A 168 0.44 1.53 -33.52
CA PRO A 168 -0.42 1.91 -32.40
C PRO A 168 -1.56 0.90 -32.22
N PRO A 169 -1.68 0.33 -31.01
CA PRO A 169 -2.64 -0.76 -30.79
C PRO A 169 -4.08 -0.30 -30.89
N ASP A 170 -4.91 -1.18 -31.45
CA ASP A 170 -6.33 -0.95 -31.71
C ASP A 170 -7.11 -0.44 -30.48
N PRO A 171 -7.38 0.88 -30.42
CA PRO A 171 -8.14 1.44 -29.32
C PRO A 171 -9.64 1.44 -29.60
N ALA A 172 -10.08 0.54 -30.48
CA ALA A 172 -11.49 0.25 -30.70
C ALA A 172 -11.92 -0.95 -29.86
N LEU A 173 -10.94 -1.59 -29.22
CA LEU A 173 -11.18 -2.69 -28.29
C LEU A 173 -11.48 -2.14 -26.91
N ASP A 174 -11.00 -0.91 -26.66
CA ASP A 174 -11.31 -0.18 -25.44
C ASP A 174 -12.81 0.09 -25.32
N GLU A 175 -13.57 -0.52 -26.23
CA GLU A 175 -15.02 -0.44 -26.28
C GLU A 175 -15.64 -0.84 -24.95
N VAL A 176 -16.53 0.01 -24.44
CA VAL A 176 -17.18 -0.17 -23.15
C VAL A 176 -18.56 -0.78 -23.36
N ARG A 177 -18.95 -1.72 -22.50
CA ARG A 177 -20.33 -2.21 -22.50
C ARG A 177 -21.26 -1.09 -22.03
N LYS A 178 -21.78 -0.35 -23.00
CA LYS A 178 -22.52 0.89 -22.77
C LYS A 178 -23.75 0.69 -21.89
N GLU A 179 -24.04 1.68 -21.05
N CYS A 215 -38.81 14.79 14.42
CA CYS A 215 -38.77 15.47 15.72
C CYS A 215 -37.53 16.35 15.87
N ASP A 216 -37.39 16.99 17.04
CA ASP A 216 -36.24 17.83 17.37
C ASP A 216 -36.14 18.16 18.86
N ARG A 217 -35.39 17.34 19.62
CA ARG A 217 -35.10 17.62 21.04
C ARG A 217 -33.82 16.93 21.54
N LYS A 218 -33.94 15.65 21.90
CA LYS A 218 -32.83 14.85 22.40
C LYS A 218 -32.90 13.44 21.82
N PHE A 219 -31.73 12.83 21.63
CA PHE A 219 -31.62 11.51 20.98
C PHE A 219 -31.75 10.32 21.93
N ARG A 220 -32.52 9.32 21.50
CA ARG A 220 -32.64 8.06 22.23
C ARG A 220 -32.71 6.83 21.31
N VAL A 221 -32.46 5.65 21.89
CA VAL A 221 -32.47 4.39 21.15
C VAL A 221 -32.88 3.24 22.07
N LYS A 222 -33.82 2.42 21.60
CA LYS A 222 -34.27 1.26 22.37
C LYS A 222 -33.49 0.02 22.01
N ILE A 223 -32.66 -0.41 22.95
CA ILE A 223 -31.98 -1.68 22.84
C ILE A 223 -32.98 -2.76 23.29
N ARG A 224 -33.25 -3.71 22.40
CA ARG A 224 -34.30 -4.71 22.65
C ARG A 224 -33.83 -6.14 22.97
N GLY A 225 -32.61 -6.48 22.57
CA GLY A 225 -32.06 -7.79 22.91
C GLY A 225 -30.84 -8.27 22.12
N ILE A 226 -30.58 -9.57 22.19
CA ILE A 226 -29.48 -10.24 21.49
C ILE A 226 -29.74 -11.75 21.39
N ASP A 227 -28.99 -12.43 20.53
CA ASP A 227 -28.97 -13.88 20.50
C ASP A 227 -27.65 -14.40 19.98
N ILE A 228 -27.09 -15.38 20.68
CA ILE A 228 -25.84 -16.02 20.30
C ILE A 228 -25.99 -17.53 20.48
N PRO A 229 -26.62 -18.20 19.48
CA PRO A 229 -27.11 -19.59 19.59
C PRO A 229 -26.28 -20.54 20.44
N VAL A 230 -24.96 -20.64 20.18
CA VAL A 230 -24.07 -21.52 20.94
C VAL A 230 -23.05 -20.70 21.77
N LEU A 231 -23.06 -20.93 23.10
CA LEU A 231 -22.34 -20.07 24.05
C LEU A 231 -21.32 -20.71 25.04
N PRO A 232 -21.46 -22.02 25.38
CA PRO A 232 -20.71 -22.65 26.50
C PRO A 232 -19.17 -22.53 26.46
N ARG A 233 -18.57 -22.13 27.59
CA ARG A 233 -17.10 -22.04 27.75
C ARG A 233 -16.57 -22.46 29.14
N ASN A 234 -17.03 -21.77 30.19
CA ASN A 234 -16.57 -21.97 31.57
C ASN A 234 -17.78 -22.05 32.52
N THR A 235 -17.94 -21.07 33.41
CA THR A 235 -19.17 -20.94 34.22
C THR A 235 -19.61 -19.47 34.38
N ASP A 236 -20.88 -19.31 34.75
CA ASP A 236 -21.60 -18.02 34.93
C ASP A 236 -20.86 -16.66 34.76
N LEU A 237 -21.32 -15.88 33.77
CA LEU A 237 -20.82 -14.52 33.49
C LEU A 237 -21.97 -13.51 33.25
N THR A 238 -21.64 -12.22 33.24
CA THR A 238 -22.63 -11.14 33.06
C THR A 238 -22.33 -10.25 31.85
N VAL A 239 -23.32 -9.45 31.43
CA VAL A 239 -23.25 -8.72 30.15
C VAL A 239 -24.12 -7.45 30.03
N PHE A 240 -23.60 -6.42 29.37
CA PHE A 240 -24.38 -5.19 29.08
C PHE A 240 -23.95 -4.46 27.79
N VAL A 241 -24.89 -3.73 27.18
CA VAL A 241 -24.66 -3.05 25.90
C VAL A 241 -24.22 -1.59 26.11
N GLU A 242 -23.64 -0.97 25.09
CA GLU A 242 -23.05 0.38 25.17
C GLU A 242 -23.20 1.19 23.89
N ALA A 243 -24.07 2.20 23.90
CA ALA A 243 -24.32 3.04 22.73
C ALA A 243 -23.58 4.39 22.82
N ASN A 244 -22.90 4.77 21.73
CA ASN A 244 -22.06 5.96 21.68
C ASN A 244 -22.34 6.76 20.44
N ILE A 245 -22.36 8.08 20.60
CA ILE A 245 -22.39 8.94 19.45
C ILE A 245 -20.96 9.14 19.01
N GLN A 246 -20.69 8.96 17.72
CA GLN A 246 -19.33 9.16 17.21
C GLN A 246 -19.23 10.06 15.99
N HIS A 247 -18.25 10.96 16.07
CA HIS A 247 -17.80 11.75 14.94
C HIS A 247 -16.30 11.67 14.97
N GLY A 248 -15.77 10.63 14.34
CA GLY A 248 -14.33 10.46 14.20
C GLY A 248 -13.65 10.25 15.53
N GLN A 249 -13.97 9.14 16.19
CA GLN A 249 -13.37 8.79 17.49
C GLN A 249 -13.16 10.03 18.37
N GLN A 250 -14.25 10.76 18.58
CA GLN A 250 -14.27 11.93 19.44
C GLN A 250 -15.50 11.86 20.35
N VAL A 251 -16.27 10.79 20.17
CA VAL A 251 -17.30 10.32 21.11
C VAL A 251 -18.06 11.42 21.87
N LEU A 252 -19.04 12.00 21.19
CA LEU A 252 -19.87 13.06 21.73
C LEU A 252 -20.58 12.67 23.03
N CYS A 253 -21.05 11.42 23.13
CA CYS A 253 -21.65 10.89 24.37
C CYS A 253 -21.33 9.40 24.58
N GLN A 254 -21.62 8.90 25.78
CA GLN A 254 -21.46 7.48 26.16
C GLN A 254 -22.56 7.04 27.11
N ARG A 255 -23.22 5.89 26.82
CA ARG A 255 -24.35 5.37 27.64
C ARG A 255 -24.33 3.85 27.87
N ARG A 256 -24.90 3.42 29.00
CA ARG A 256 -24.86 2.02 29.48
C ARG A 256 -26.26 1.38 29.62
N THR A 257 -26.32 0.07 29.89
CA THR A 257 -27.57 -0.58 30.34
C THR A 257 -27.36 -1.43 31.59
N SER A 258 -28.47 -1.73 32.28
CA SER A 258 -28.47 -2.57 33.48
C SER A 258 -27.92 -3.97 33.21
N PRO A 259 -26.93 -4.41 34.02
CA PRO A 259 -26.26 -5.69 33.79
C PRO A 259 -27.14 -6.89 34.13
N LYS A 260 -27.57 -7.62 33.09
CA LYS A 260 -28.39 -8.81 33.26
C LYS A 260 -27.66 -10.09 32.85
N PRO A 261 -27.49 -11.05 33.80
CA PRO A 261 -26.76 -12.31 33.59
C PRO A 261 -26.96 -12.99 32.24
N PHE A 262 -25.87 -13.54 31.71
CA PHE A 262 -25.80 -14.10 30.36
C PHE A 262 -26.56 -15.42 30.24
N THR A 263 -27.79 -15.37 29.73
CA THR A 263 -28.41 -16.55 29.14
C THR A 263 -28.24 -16.39 27.64
N GLU A 264 -28.62 -17.41 26.88
CA GLU A 264 -28.40 -17.43 25.44
C GLU A 264 -29.15 -16.34 24.69
N GLU A 265 -30.31 -15.96 25.22
CA GLU A 265 -31.13 -14.94 24.60
C GLU A 265 -31.57 -13.87 25.62
N VAL A 266 -30.71 -12.88 25.83
CA VAL A 266 -30.99 -11.79 26.78
C VAL A 266 -32.04 -10.82 26.21
N LEU A 267 -32.66 -10.04 27.10
CA LEU A 267 -33.63 -9.02 26.74
C LEU A 267 -33.49 -7.81 27.66
N TRP A 268 -33.94 -6.65 27.18
CA TRP A 268 -33.93 -5.42 27.99
C TRP A 268 -35.20 -4.63 27.73
N ASN A 269 -35.44 -4.34 26.45
CA ASN A 269 -36.54 -3.48 26.01
C ASN A 269 -36.26 -2.03 26.41
N VAL A 270 -34.99 -1.73 26.66
CA VAL A 270 -34.55 -0.51 27.34
C VAL A 270 -34.16 0.63 26.37
N TRP A 271 -34.85 1.76 26.50
CA TRP A 271 -34.50 3.00 25.80
C TRP A 271 -33.16 3.56 26.31
N LEU A 272 -32.54 4.44 25.52
CA LEU A 272 -31.33 5.13 25.96
C LEU A 272 -31.36 6.62 25.65
N GLU A 273 -31.90 7.41 26.57
CA GLU A 273 -32.01 8.86 26.37
C GLU A 273 -30.63 9.52 26.50
N PHE A 274 -30.05 9.90 25.36
CA PHE A 274 -28.77 10.61 25.34
C PHE A 274 -28.91 12.07 25.77
N SER A 275 -27.76 12.72 25.94
CA SER A 275 -27.71 14.12 26.37
C SER A 275 -27.82 15.11 25.20
N ILE A 276 -26.98 14.94 24.18
CA ILE A 276 -26.91 15.87 23.04
C ILE A 276 -28.12 15.83 22.10
N LYS A 277 -28.41 16.97 21.45
CA LYS A 277 -29.61 17.17 20.62
C LYS A 277 -29.72 16.33 19.32
N ILE A 278 -30.72 16.63 18.50
CA ILE A 278 -30.99 15.90 17.25
C ILE A 278 -30.45 16.61 16.03
N LYS A 279 -30.65 17.92 15.99
CA LYS A 279 -30.17 18.74 14.88
C LYS A 279 -28.67 18.96 15.07
N ASP A 280 -28.22 18.85 16.31
CA ASP A 280 -26.80 18.98 16.63
C ASP A 280 -26.01 17.66 16.44
N LEU A 281 -26.41 16.89 15.43
CA LEU A 281 -25.75 15.63 15.08
C LEU A 281 -24.92 15.76 13.81
N PRO A 282 -23.57 15.75 13.93
CA PRO A 282 -22.73 15.95 12.73
C PRO A 282 -22.86 14.83 11.71
N LYS A 283 -23.05 15.18 10.43
CA LYS A 283 -23.11 14.18 9.37
C LYS A 283 -21.88 13.29 9.47
N GLY A 284 -22.03 12.04 9.04
CA GLY A 284 -21.00 11.07 9.31
C GLY A 284 -21.02 10.92 10.81
N ALA A 285 -22.23 10.71 11.32
CA ALA A 285 -22.44 10.28 12.68
C ALA A 285 -22.44 8.77 12.67
N LEU A 286 -21.64 8.17 13.54
CA LEU A 286 -21.58 6.72 13.66
C LEU A 286 -22.05 6.33 15.05
N LEU A 287 -23.09 5.50 15.12
CA LEU A 287 -23.55 4.96 16.39
C LEU A 287 -22.79 3.68 16.65
N ASN A 288 -21.84 3.73 17.58
CA ASN A 288 -21.13 2.55 18.01
C ASN A 288 -21.94 1.75 19.02
N LEU A 289 -22.08 0.45 18.76
CA LEU A 289 -22.71 -0.48 19.71
C LEU A 289 -21.75 -1.58 20.14
N GLN A 290 -21.56 -1.74 21.45
CA GLN A 290 -20.55 -2.66 21.99
C GLN A 290 -20.98 -3.41 23.26
N ILE A 291 -21.14 -4.72 23.14
CA ILE A 291 -21.42 -5.59 24.28
C ILE A 291 -20.16 -5.80 25.11
N TYR A 292 -20.28 -5.56 26.42
CA TYR A 292 -19.19 -5.75 27.38
C TYR A 292 -19.47 -6.99 28.23
N CYS A 293 -18.41 -7.64 28.72
CA CYS A 293 -18.58 -8.85 29.51
C CYS A 293 -17.89 -8.79 30.85
N LEU A 318 -14.86 -6.42 27.89
CA LEU A 318 -15.35 -6.29 26.52
C LEU A 318 -15.89 -7.63 25.99
N LEU A 319 -16.26 -7.68 24.69
CA LEU A 319 -16.74 -8.93 24.04
C LEU A 319 -17.00 -8.82 22.54
N TYR A 320 -18.05 -8.09 22.14
CA TYR A 320 -18.58 -8.07 20.76
C TYR A 320 -18.83 -6.62 20.32
N TYR A 321 -18.79 -6.37 19.00
CA TYR A 321 -18.97 -5.01 18.46
C TYR A 321 -19.77 -4.94 17.15
N VAL A 322 -20.65 -3.93 17.05
CA VAL A 322 -21.32 -3.59 15.78
C VAL A 322 -21.67 -2.08 15.63
N ASN A 323 -21.82 -1.62 14.40
CA ASN A 323 -22.01 -0.18 14.13
C ASN A 323 -23.24 0.22 13.29
N LEU A 324 -23.67 1.46 13.46
CA LEU A 324 -24.74 1.98 12.61
C LEU A 324 -24.55 3.47 12.37
N LEU A 325 -24.51 3.85 11.09
CA LEU A 325 -24.50 5.26 10.76
C LEU A 325 -25.80 5.88 11.26
N LEU A 326 -25.67 7.03 11.92
CA LEU A 326 -26.84 7.72 12.45
C LEU A 326 -27.57 8.37 11.32
N ILE A 327 -26.88 9.23 10.57
CA ILE A 327 -27.45 9.87 9.40
C ILE A 327 -27.39 8.92 8.20
N ASP A 328 -28.34 9.10 7.28
CA ASP A 328 -28.47 8.27 6.09
C ASP A 328 -27.61 8.87 4.96
N HIS A 329 -27.29 8.06 3.95
CA HIS A 329 -26.52 8.54 2.82
C HIS A 329 -27.27 9.62 2.07
N ARG A 330 -28.61 9.53 2.10
CA ARG A 330 -29.51 10.57 1.61
C ARG A 330 -29.40 11.76 2.55
N PHE A 331 -29.98 11.60 3.74
CA PHE A 331 -29.76 12.52 4.84
C PHE A 331 -30.69 12.15 5.98
N LEU A 332 -31.73 11.39 5.63
CA LEU A 332 -32.73 10.88 6.56
C LEU A 332 -32.10 10.46 7.89
N LEU A 333 -32.56 11.00 9.01
CA LEU A 333 -32.12 10.46 10.30
C LEU A 333 -32.78 9.09 10.46
N ARG A 334 -31.94 8.06 10.58
CA ARG A 334 -32.35 6.67 10.47
C ARG A 334 -33.53 6.31 11.39
N ARG A 335 -34.38 5.39 10.92
CA ARG A 335 -35.59 5.00 11.66
C ARG A 335 -36.04 3.57 11.33
N GLY A 336 -36.86 3.00 12.21
CA GLY A 336 -37.40 1.64 12.02
C GLY A 336 -36.87 0.58 12.98
N GLU A 337 -37.03 -0.69 12.62
CA GLU A 337 -36.54 -1.83 13.39
C GLU A 337 -35.35 -2.50 12.69
N TYR A 338 -34.34 -2.91 13.47
CA TYR A 338 -33.08 -3.42 12.89
C TYR A 338 -32.54 -4.68 13.56
N VAL A 339 -32.29 -5.71 12.76
CA VAL A 339 -31.74 -6.97 13.26
C VAL A 339 -30.26 -7.09 12.85
N LEU A 340 -29.46 -6.10 13.23
CA LEU A 340 -28.03 -6.05 12.89
C LEU A 340 -27.20 -7.14 13.56
N HIS A 341 -26.43 -7.88 12.76
CA HIS A 341 -25.51 -8.90 13.28
C HIS A 341 -24.13 -8.32 13.57
N MET A 342 -23.47 -8.84 14.60
CA MET A 342 -22.23 -8.23 15.11
C MET A 342 -20.98 -9.05 14.81
N TRP A 343 -19.85 -8.36 14.75
CA TRP A 343 -18.54 -9.00 14.64
C TRP A 343 -18.09 -9.43 16.01
N GLN A 344 -17.32 -10.51 16.06
CA GLN A 344 -16.65 -10.93 17.28
C GLN A 344 -15.30 -10.22 17.43
N ILE A 345 -14.87 -10.03 18.67
CA ILE A 345 -13.56 -9.47 18.99
C ILE A 345 -12.75 -10.54 19.71
N SER A 346 -11.44 -10.56 19.48
CA SER A 346 -10.52 -11.38 20.29
C SER A 346 -9.19 -10.66 20.56
N GLY A 347 -8.39 -11.23 21.48
CA GLY A 347 -7.10 -10.66 21.87
C GLY A 347 -6.18 -11.66 22.55
N PHE A 355 -6.88 1.50 18.71
CA PHE A 355 -6.90 0.18 18.07
C PHE A 355 -7.12 0.28 16.55
N ASN A 356 -7.68 -0.79 15.96
CA ASN A 356 -7.66 -0.99 14.52
C ASN A 356 -8.76 -0.29 13.70
N ALA A 357 -8.45 0.03 12.45
CA ALA A 357 -9.35 0.75 11.54
C ALA A 357 -10.53 -0.11 11.14
N ASP A 358 -10.27 -1.40 10.97
CA ASP A 358 -11.29 -2.41 10.66
C ASP A 358 -12.41 -2.44 11.73
N LYS A 359 -12.34 -1.50 12.68
CA LYS A 359 -13.34 -1.39 13.74
C LYS A 359 -14.32 -0.21 13.52
N LEU A 360 -14.16 0.52 12.41
CA LEU A 360 -15.08 1.62 12.08
C LEU A 360 -15.85 1.32 10.79
N THR A 361 -16.54 0.18 10.75
CA THR A 361 -17.19 -0.26 9.52
C THR A 361 -18.67 0.11 9.48
N SER A 362 -19.27 0.03 8.28
CA SER A 362 -20.71 0.21 8.12
C SER A 362 -21.40 -1.10 7.74
N ALA A 363 -20.60 -2.16 7.67
CA ALA A 363 -21.07 -3.48 7.26
C ALA A 363 -20.97 -4.46 8.42
N THR A 364 -21.93 -5.40 8.46
CA THR A 364 -22.12 -6.33 9.58
C THR A 364 -21.65 -7.77 9.26
N ASN A 365 -21.87 -8.69 10.20
CA ASN A 365 -21.48 -10.09 10.02
C ASN A 365 -22.41 -10.82 9.05
N PRO A 366 -21.88 -11.21 7.87
CA PRO A 366 -22.72 -11.80 6.82
C PRO A 366 -23.00 -13.29 7.03
N ASP A 367 -22.51 -13.84 8.15
CA ASP A 367 -23.00 -15.12 8.61
C ASP A 367 -24.11 -14.88 9.62
N LYS A 368 -25.28 -15.45 9.34
CA LYS A 368 -26.44 -15.34 10.21
C LYS A 368 -26.67 -16.63 11.00
N GLU A 369 -25.57 -17.31 11.34
CA GLU A 369 -25.68 -18.55 12.10
C GLU A 369 -25.01 -18.45 13.48
N ASN A 370 -23.72 -18.15 13.50
CA ASN A 370 -22.94 -18.17 14.74
C ASN A 370 -22.66 -16.78 15.33
N SER A 371 -23.22 -15.76 14.70
CA SER A 371 -22.97 -14.38 15.13
C SER A 371 -23.99 -13.96 16.17
N MET A 372 -23.63 -12.90 16.91
CA MET A 372 -24.52 -12.22 17.83
C MET A 372 -25.38 -11.25 17.03
N SER A 373 -26.63 -11.10 17.45
CA SER A 373 -27.56 -10.25 16.72
C SER A 373 -28.34 -9.34 17.66
N ILE A 374 -27.84 -8.12 17.81
CA ILE A 374 -28.52 -7.12 18.60
C ILE A 374 -29.74 -6.56 17.84
N SER A 375 -30.89 -6.44 18.54
CA SER A 375 -32.11 -5.88 17.96
C SER A 375 -32.45 -4.53 18.58
N ILE A 376 -32.76 -3.54 17.74
CA ILE A 376 -33.01 -2.18 18.24
C ILE A 376 -34.26 -1.52 17.65
N LEU A 377 -34.66 -0.41 18.27
CA LEU A 377 -35.67 0.48 17.70
C LEU A 377 -35.19 1.93 17.65
N LEU A 378 -35.40 2.55 16.50
CA LEU A 378 -35.08 3.96 16.25
C LEU A 378 -36.38 4.62 15.80
N ASP A 379 -36.83 5.64 16.54
CA ASP A 379 -38.15 6.25 16.32
C ASP A 379 -38.15 7.79 16.44
N ASN A 380 -37.58 8.45 15.44
CA ASN A 380 -37.35 9.89 15.48
C ASN A 380 -38.01 10.65 14.32
N ARG A 402 -11.85 38.01 12.59
CA ARG A 402 -10.79 38.71 11.88
C ARG A 402 -9.40 38.19 12.29
N ALA A 403 -9.07 38.33 13.58
CA ALA A 403 -7.93 37.64 14.24
C ALA A 403 -6.52 38.25 14.15
N GLU A 404 -6.22 39.20 15.07
CA GLU A 404 -4.87 39.76 15.24
C GLU A 404 -4.50 39.98 16.74
N MET A 405 -3.26 39.53 17.12
CA MET A 405 -3.00 39.26 18.56
C MET A 405 -1.66 39.74 19.17
N PRO A 406 -1.52 39.74 20.54
CA PRO A 406 -0.25 40.00 21.26
C PRO A 406 0.89 39.05 20.85
N ASN A 407 2.09 39.37 21.33
CA ASN A 407 3.32 38.70 20.89
C ASN A 407 3.54 37.33 21.53
N GLN A 408 3.47 37.25 22.85
CA GLN A 408 3.71 35.99 23.53
C GLN A 408 2.45 35.12 23.57
N LEU A 409 1.51 35.44 22.68
CA LEU A 409 0.44 34.51 22.32
C LEU A 409 0.73 33.91 20.94
N ARG A 410 1.10 34.75 19.98
CA ARG A 410 1.50 34.28 18.66
C ARG A 410 2.71 33.34 18.73
N LYS A 411 3.65 33.64 19.65
CA LYS A 411 4.81 32.81 19.90
C LYS A 411 4.37 31.49 20.53
N GLN A 412 3.68 31.56 21.67
CA GLN A 412 3.14 30.38 22.35
C GLN A 412 2.00 29.74 21.55
N LEU A 413 2.21 29.68 20.22
CA LEU A 413 1.17 29.24 19.28
C LEU A 413 1.79 28.59 18.06
N GLU A 414 2.78 29.25 17.45
CA GLU A 414 3.55 28.60 16.38
C GLU A 414 4.26 27.40 16.98
N ALA A 415 4.50 27.48 18.28
CA ALA A 415 4.84 26.33 19.10
C ALA A 415 3.85 25.20 18.83
N ILE A 416 2.55 25.48 18.96
CA ILE A 416 1.51 24.49 18.69
C ILE A 416 1.44 24.15 17.19
N ILE A 417 1.89 25.07 16.34
CA ILE A 417 1.97 24.77 14.91
C ILE A 417 3.04 23.71 14.63
N ALA A 418 4.25 23.96 15.11
CA ALA A 418 5.42 23.12 14.79
C ALA A 418 5.38 21.69 15.36
N THR A 419 4.44 21.41 16.26
CA THR A 419 4.31 20.09 16.86
C THR A 419 3.97 19.02 15.83
N ASP A 420 4.59 17.86 16.01
CA ASP A 420 4.32 16.71 15.16
C ASP A 420 2.85 16.30 15.27
N PRO A 421 2.37 15.42 14.35
CA PRO A 421 0.96 15.08 14.29
C PRO A 421 0.43 14.21 15.45
N LEU A 422 1.26 13.31 15.96
CA LEU A 422 0.79 12.42 17.02
C LEU A 422 1.08 12.94 18.42
N ASN A 423 1.65 14.15 18.47
CA ASN A 423 1.76 14.91 19.70
C ASN A 423 0.37 15.31 20.17
N PRO A 424 0.09 15.13 21.47
CA PRO A 424 -1.21 15.50 22.04
C PRO A 424 -1.55 17.00 21.92
N LEU A 425 -2.82 17.34 22.10
CA LEU A 425 -3.27 18.72 22.25
C LEU A 425 -4.08 18.85 23.54
N THR A 426 -3.98 20.01 24.17
CA THR A 426 -4.68 20.26 25.44
C THR A 426 -5.91 21.15 25.24
N ALA A 427 -6.84 21.08 26.19
CA ALA A 427 -7.97 22.00 26.20
C ALA A 427 -7.38 23.40 26.16
N GLU A 428 -6.24 23.55 26.85
CA GLU A 428 -5.39 24.74 26.77
C GLU A 428 -5.07 25.09 25.31
N ASP A 429 -4.44 24.17 24.59
CA ASP A 429 -4.16 24.33 23.16
C ASP A 429 -5.45 24.66 22.43
N LYS A 430 -6.30 23.64 22.29
CA LYS A 430 -7.57 23.69 21.55
C LYS A 430 -8.27 25.06 21.50
N GLU A 431 -8.25 25.77 22.63
CA GLU A 431 -8.85 27.11 22.72
C GLU A 431 -8.06 28.19 21.99
N LEU A 432 -6.73 28.21 22.20
CA LEU A 432 -5.85 29.18 21.54
C LEU A 432 -6.04 29.16 20.02
N LEU A 433 -6.01 27.96 19.45
CA LEU A 433 -6.25 27.75 18.02
C LEU A 433 -7.65 28.20 17.62
N TRP A 434 -8.67 27.54 18.18
CA TRP A 434 -10.06 27.82 17.83
C TRP A 434 -10.42 29.30 17.95
N HIS A 435 -9.73 30.01 18.83
CA HIS A 435 -9.99 31.41 19.03
C HIS A 435 -9.38 32.27 17.91
N PHE A 436 -8.12 32.00 17.57
CA PHE A 436 -7.44 32.77 16.53
C PHE A 436 -7.70 32.25 15.11
N ARG A 437 -8.62 31.29 15.00
CA ARG A 437 -9.20 30.85 13.72
C ARG A 437 -8.55 31.42 12.44
N TYR A 438 -8.77 32.71 12.16
CA TYR A 438 -8.33 33.30 10.90
C TYR A 438 -6.82 33.53 10.83
N GLU A 439 -6.23 33.88 11.96
CA GLU A 439 -4.80 33.97 12.08
C GLU A 439 -4.20 32.58 11.98
N SER A 440 -5.05 31.56 12.17
CA SER A 440 -4.63 30.14 12.10
C SER A 440 -4.70 29.57 10.67
N LEU A 441 -5.44 30.25 9.80
CA LEU A 441 -5.55 29.88 8.39
C LEU A 441 -4.25 30.12 7.63
N LYS A 442 -3.73 31.36 7.69
CA LYS A 442 -2.51 31.79 6.98
C LYS A 442 -1.38 30.74 6.88
N HIS A 443 -1.31 29.85 7.86
CA HIS A 443 -0.35 28.75 7.87
C HIS A 443 -1.08 27.44 7.64
N PRO A 444 -0.90 26.83 6.45
CA PRO A 444 -1.49 25.52 6.10
C PRO A 444 -1.04 24.42 7.05
N LYS A 445 0.15 24.62 7.65
CA LYS A 445 0.82 23.65 8.51
C LYS A 445 0.11 23.50 9.87
N ALA A 446 -1.16 23.91 9.88
CA ALA A 446 -1.98 23.96 11.10
C ALA A 446 -3.35 23.29 10.93
N TYR A 447 -3.64 22.88 9.69
CA TYR A 447 -5.00 22.49 9.30
C TYR A 447 -5.62 21.29 10.05
N PRO A 448 -4.97 20.12 10.01
CA PRO A 448 -5.39 19.01 10.88
C PRO A 448 -5.58 19.45 12.33
N LYS A 449 -4.58 20.17 12.83
CA LYS A 449 -4.55 20.62 14.21
C LYS A 449 -5.65 21.64 14.52
N LEU A 450 -6.19 22.28 13.48
CA LEU A 450 -7.30 23.23 13.63
C LEU A 450 -8.64 22.52 13.80
N PHE A 451 -8.91 21.59 12.91
CA PHE A 451 -10.20 20.89 12.83
C PHE A 451 -10.39 19.79 13.88
N SER A 452 -9.26 19.28 14.37
CA SER A 452 -9.25 18.46 15.59
C SER A 452 -9.81 19.28 16.74
N SER A 453 -9.38 20.54 16.82
CA SER A 453 -9.77 21.46 17.90
C SER A 453 -11.21 21.98 17.70
N VAL A 454 -11.98 21.24 16.91
CA VAL A 454 -13.36 21.59 16.58
C VAL A 454 -14.23 20.45 17.05
N LYS A 455 -14.78 20.58 18.25
CA LYS A 455 -15.80 19.66 18.71
C LYS A 455 -17.13 20.03 18.04
N TRP A 456 -17.69 19.04 17.32
CA TRP A 456 -18.81 19.24 16.39
C TRP A 456 -20.18 18.97 17.01
N GLY A 457 -20.20 18.83 18.34
CA GLY A 457 -21.45 18.71 19.10
C GLY A 457 -22.41 19.84 18.75
N GLN A 458 -21.96 21.08 18.95
CA GLN A 458 -22.75 22.28 18.66
C GLN A 458 -23.18 22.31 17.19
N GLN A 459 -24.38 22.83 16.93
CA GLN A 459 -24.79 23.16 15.58
C GLN A 459 -23.93 24.34 15.13
N GLU A 460 -23.95 25.38 15.96
CA GLU A 460 -23.33 26.68 15.67
C GLU A 460 -21.86 26.59 15.27
N ILE A 461 -21.10 25.73 15.95
CA ILE A 461 -19.68 25.61 15.66
C ILE A 461 -19.43 25.12 14.22
N VAL A 462 -20.08 24.02 13.83
CA VAL A 462 -19.96 23.49 12.47
C VAL A 462 -20.14 24.57 11.38
N ALA A 463 -21.12 25.44 11.57
CA ALA A 463 -21.39 26.54 10.63
C ALA A 463 -20.28 27.59 10.64
N LYS A 464 -19.73 27.86 11.82
CA LYS A 464 -18.58 28.77 11.95
C LYS A 464 -17.36 28.13 11.28
N THR A 465 -17.27 26.80 11.40
CA THR A 465 -16.21 25.99 10.80
C THR A 465 -16.30 26.01 9.28
N TYR A 466 -17.49 26.29 8.76
CA TYR A 466 -17.70 26.37 7.32
C TYR A 466 -17.43 27.78 6.82
N GLN A 467 -17.63 28.76 7.72
CA GLN A 467 -17.20 30.14 7.50
C GLN A 467 -15.68 30.24 7.55
N LEU A 468 -15.05 29.20 8.09
CA LEU A 468 -13.61 29.07 8.05
C LEU A 468 -13.16 28.59 6.68
N LEU A 469 -14.01 27.81 6.02
CA LEU A 469 -13.72 27.28 4.68
C LEU A 469 -14.14 28.26 3.58
N ALA A 470 -15.10 29.13 3.94
CA ALA A 470 -15.61 30.18 3.04
C ALA A 470 -14.50 31.05 2.48
N ARG A 471 -13.51 31.33 3.32
CA ARG A 471 -12.28 31.96 2.88
C ARG A 471 -11.14 30.95 3.03
N ARG A 472 -11.23 29.87 2.26
CA ARG A 472 -10.21 28.82 2.21
C ARG A 472 -8.88 29.37 1.67
N GLU A 473 -8.95 30.60 1.14
CA GLU A 473 -7.82 31.41 0.65
C GLU A 473 -6.51 30.66 0.36
N VAL A 474 -5.63 30.62 1.36
CA VAL A 474 -4.25 30.15 1.23
C VAL A 474 -4.16 28.66 0.88
N TRP A 475 -4.95 27.82 1.55
CA TRP A 475 -4.91 26.37 1.30
C TRP A 475 -5.00 25.99 -0.17
N ASP A 476 -5.92 26.64 -0.89
CA ASP A 476 -6.08 26.38 -2.32
C ASP A 476 -4.83 26.75 -3.14
N GLN A 477 -4.34 27.97 -2.94
CA GLN A 477 -3.23 28.54 -3.71
C GLN A 477 -1.85 28.08 -3.24
N SER A 478 -1.84 27.32 -2.14
CA SER A 478 -0.61 26.92 -1.44
C SER A 478 0.16 25.78 -2.10
N ALA A 479 1.46 25.73 -1.81
CA ALA A 479 2.31 24.63 -2.23
C ALA A 479 1.71 23.35 -1.73
N LEU A 480 1.48 22.42 -2.64
CA LEU A 480 1.00 21.10 -2.27
C LEU A 480 2.09 20.36 -1.49
N ASP A 481 1.77 20.03 -0.24
CA ASP A 481 2.53 19.11 0.56
C ASP A 481 1.63 17.89 0.71
N VAL A 482 2.07 16.74 0.23
CA VAL A 482 1.25 15.53 0.21
C VAL A 482 0.93 14.99 1.59
N GLY A 483 1.92 15.08 2.49
CA GLY A 483 1.77 14.59 3.86
C GLY A 483 0.66 15.32 4.59
N LEU A 484 0.74 16.64 4.59
CA LEU A 484 -0.28 17.50 5.18
C LEU A 484 -1.67 17.17 4.60
N THR A 485 -1.70 16.68 3.36
CA THR A 485 -2.93 16.35 2.65
C THR A 485 -3.50 15.06 3.21
N MET A 486 -2.71 14.00 3.11
CA MET A 486 -3.08 12.68 3.64
C MET A 486 -3.53 12.81 5.12
N GLN A 487 -2.76 13.59 5.90
CA GLN A 487 -3.03 13.82 7.33
C GLN A 487 -4.48 14.21 7.56
N LEU A 488 -5.12 14.73 6.51
CA LEU A 488 -6.53 15.13 6.57
C LEU A 488 -7.50 14.06 6.09
N LEU A 489 -6.97 13.04 5.42
CA LEU A 489 -7.81 11.97 4.92
C LEU A 489 -7.70 10.73 5.81
N ASP A 490 -7.16 10.92 7.02
CA ASP A 490 -6.85 9.77 7.87
C ASP A 490 -8.02 9.25 8.72
N CYS A 491 -7.69 8.70 9.88
CA CYS A 491 -8.68 8.16 10.77
C CYS A 491 -9.63 9.19 11.32
N ASN A 492 -9.05 10.32 11.74
CA ASN A 492 -9.66 11.24 12.70
C ASN A 492 -10.79 12.13 12.19
N PHE A 493 -10.83 12.38 10.89
CA PHE A 493 -11.81 13.30 10.36
C PHE A 493 -13.00 12.61 9.71
N SER A 494 -14.17 12.92 10.25
CA SER A 494 -15.44 12.36 9.79
C SER A 494 -16.14 13.31 8.82
N ASP A 495 -15.85 14.61 8.95
CA ASP A 495 -16.58 15.63 8.19
C ASP A 495 -16.35 15.55 6.67
N GLU A 496 -17.44 15.27 5.97
CA GLU A 496 -17.44 15.04 4.53
C GLU A 496 -17.15 16.34 3.77
N ASN A 497 -16.75 17.38 4.49
CA ASN A 497 -16.26 18.62 3.89
C ASN A 497 -14.76 18.80 4.08
N VAL A 498 -14.26 18.52 5.28
CA VAL A 498 -12.82 18.61 5.54
C VAL A 498 -12.08 17.63 4.62
N ARG A 499 -12.47 16.35 4.70
CA ARG A 499 -11.91 15.31 3.81
C ARG A 499 -11.94 15.73 2.33
N ALA A 500 -12.91 16.57 1.99
CA ALA A 500 -13.01 17.10 0.64
C ALA A 500 -11.95 18.18 0.36
N ILE A 501 -11.43 18.84 1.39
CA ILE A 501 -10.42 19.88 1.14
C ILE A 501 -9.10 19.26 0.73
N ALA A 502 -8.86 18.04 1.20
CA ALA A 502 -7.63 17.32 0.89
C ALA A 502 -7.69 16.80 -0.53
N VAL A 503 -8.72 15.99 -0.83
CA VAL A 503 -8.91 15.43 -2.17
C VAL A 503 -8.73 16.52 -3.21
N GLN A 504 -9.36 17.66 -2.94
CA GLN A 504 -9.22 18.89 -3.71
C GLN A 504 -7.76 19.25 -4.02
N LYS A 505 -6.87 18.96 -3.09
CA LYS A 505 -5.45 19.29 -3.26
C LYS A 505 -4.67 18.16 -3.89
N LEU A 506 -5.20 16.93 -3.79
CA LEU A 506 -4.60 15.78 -4.45
C LEU A 506 -4.82 15.85 -5.93
N GLU A 507 -5.94 16.45 -6.33
CA GLU A 507 -6.31 16.57 -7.75
C GLU A 507 -5.09 16.83 -8.63
N SER A 508 -4.16 17.65 -8.14
CA SER A 508 -3.02 18.12 -8.94
C SER A 508 -1.77 17.25 -8.78
N LEU A 509 -1.90 15.99 -9.19
CA LEU A 509 -0.79 15.03 -9.14
C LEU A 509 -0.68 14.19 -10.41
N GLU A 510 0.45 14.32 -11.09
CA GLU A 510 0.76 13.48 -12.25
C GLU A 510 0.85 12.02 -11.81
N ASP A 511 0.23 11.13 -12.60
CA ASP A 511 0.27 9.67 -12.39
C ASP A 511 1.39 9.17 -11.50
N ASP A 512 2.63 9.43 -11.91
CA ASP A 512 3.83 8.90 -11.24
C ASP A 512 3.87 9.19 -9.74
N ASP A 513 3.05 10.15 -9.32
CA ASP A 513 2.92 10.49 -7.92
C ASP A 513 1.78 9.75 -7.27
N VAL A 514 0.64 9.69 -7.95
CA VAL A 514 -0.50 8.91 -7.46
C VAL A 514 -0.06 7.45 -7.26
N LEU A 515 0.67 6.94 -8.24
CA LEU A 515 1.25 5.59 -8.19
C LEU A 515 2.03 5.37 -6.89
N HIS A 516 2.85 6.34 -6.51
CA HIS A 516 3.61 6.26 -5.25
C HIS A 516 2.73 6.13 -4.02
N TYR A 517 1.52 6.71 -4.09
CA TYR A 517 0.64 6.80 -2.93
C TYR A 517 -0.64 5.98 -3.05
N LEU A 518 -0.77 5.25 -4.17
CA LEU A 518 -2.01 4.54 -4.51
C LEU A 518 -2.48 3.63 -3.40
N LEU A 519 -1.56 2.85 -2.86
CA LEU A 519 -1.85 1.94 -1.75
C LEU A 519 -2.58 2.61 -0.58
N GLN A 520 -1.95 3.59 0.05
CA GLN A 520 -2.52 4.13 1.27
C GLN A 520 -3.81 4.94 1.12
N LEU A 521 -4.03 5.57 -0.02
CA LEU A 521 -5.34 6.19 -0.29
C LEU A 521 -6.41 5.13 -0.59
N VAL A 522 -6.01 4.00 -1.19
CA VAL A 522 -6.96 2.91 -1.44
C VAL A 522 -7.28 2.27 -0.10
N GLN A 523 -6.28 2.22 0.77
CA GLN A 523 -6.51 1.79 2.13
C GLN A 523 -7.29 2.83 2.88
N ALA A 524 -7.08 4.10 2.53
CA ALA A 524 -7.72 5.22 3.23
C ALA A 524 -9.24 5.36 2.98
N VAL A 525 -9.81 4.46 2.17
CA VAL A 525 -11.24 4.42 1.86
C VAL A 525 -12.02 3.74 2.99
N LYS A 526 -11.34 2.86 3.71
CA LYS A 526 -11.89 2.29 4.94
C LYS A 526 -12.17 3.39 5.94
N PHE A 527 -11.84 4.63 5.57
CA PHE A 527 -11.98 5.80 6.44
C PHE A 527 -13.04 6.85 6.04
N GLU A 528 -13.15 7.21 4.76
CA GLU A 528 -14.34 7.95 4.35
C GLU A 528 -15.60 7.23 4.93
N PRO A 529 -16.55 8.01 5.53
CA PRO A 529 -17.55 7.40 6.43
C PRO A 529 -18.71 6.71 5.72
N TYR A 530 -18.95 7.12 4.48
CA TYR A 530 -20.01 6.54 3.68
C TYR A 530 -19.44 5.58 2.63
N HIS A 531 -20.07 5.47 1.47
CA HIS A 531 -19.48 4.70 0.39
C HIS A 531 -19.07 5.61 -0.76
N ASP A 532 -20.05 5.99 -1.57
CA ASP A 532 -19.91 7.11 -2.49
C ASP A 532 -19.16 8.24 -1.76
N SER A 533 -17.92 8.50 -2.18
CA SER A 533 -17.14 9.55 -1.54
C SER A 533 -16.19 10.17 -2.54
N ALA A 534 -15.85 11.45 -2.29
CA ALA A 534 -14.99 12.25 -3.18
C ALA A 534 -13.69 11.56 -3.54
N LEU A 535 -13.11 10.83 -2.57
CA LEU A 535 -11.95 10.02 -2.83
C LEU A 535 -12.34 8.75 -3.54
N ALA A 536 -13.35 8.05 -3.00
CA ALA A 536 -13.79 6.79 -3.61
C ALA A 536 -13.89 7.01 -5.11
N ARG A 537 -14.33 8.20 -5.48
CA ARG A 537 -14.41 8.58 -6.89
C ARG A 537 -13.04 8.91 -7.46
N PHE A 538 -12.34 9.91 -6.89
CA PHE A 538 -11.00 10.30 -7.33
C PHE A 538 -10.13 9.07 -7.64
N LEU A 539 -10.43 7.97 -6.95
CA LEU A 539 -9.83 6.68 -7.23
C LEU A 539 -10.29 6.18 -8.60
N LEU A 540 -11.59 5.88 -8.70
CA LEU A 540 -12.21 5.44 -9.95
C LEU A 540 -11.85 6.35 -11.11
N LYS A 541 -11.59 7.62 -10.78
CA LYS A 541 -11.25 8.63 -11.77
C LYS A 541 -9.86 8.44 -12.34
N ARG A 542 -8.84 8.67 -11.53
CA ARG A 542 -7.47 8.61 -12.01
C ARG A 542 -7.23 7.25 -12.69
N GLY A 543 -7.87 6.21 -12.15
CA GLY A 543 -7.77 4.82 -12.64
C GLY A 543 -8.33 4.54 -14.02
N LEU A 544 -9.20 5.42 -14.48
CA LEU A 544 -9.69 5.36 -15.85
C LEU A 544 -8.93 6.39 -16.72
N ARG A 545 -8.32 7.39 -16.07
CA ARG A 545 -7.56 8.47 -16.74
C ARG A 545 -6.32 7.92 -17.47
N ASN A 546 -5.77 6.82 -16.94
CA ASN A 546 -4.74 6.01 -17.60
C ASN A 546 -5.05 4.51 -17.43
N LYS A 547 -4.14 3.64 -17.90
CA LYS A 547 -4.25 2.20 -17.69
C LYS A 547 -3.52 1.73 -16.45
N ARG A 548 -2.24 2.08 -16.33
CA ARG A 548 -1.32 1.52 -15.30
C ARG A 548 -1.79 1.71 -13.84
N ILE A 549 -2.63 2.72 -13.63
CA ILE A 549 -3.28 2.90 -12.35
C ILE A 549 -4.43 1.89 -12.23
N GLY A 550 -5.20 1.78 -13.31
CA GLY A 550 -6.33 0.86 -13.38
C GLY A 550 -6.02 -0.61 -13.08
N HIS A 551 -4.83 -1.06 -13.48
CA HIS A 551 -4.35 -2.39 -13.13
C HIS A 551 -4.14 -2.47 -11.61
N PHE A 552 -3.28 -1.59 -11.10
CA PHE A 552 -2.85 -1.69 -9.71
C PHE A 552 -4.01 -1.45 -8.77
N LEU A 553 -4.82 -0.45 -9.12
CA LEU A 553 -6.11 -0.30 -8.52
C LEU A 553 -6.77 -1.68 -8.34
N PHE A 554 -6.97 -2.40 -9.46
CA PHE A 554 -7.70 -3.68 -9.46
C PHE A 554 -7.31 -4.62 -8.33
N TRP A 555 -6.09 -5.15 -8.38
CA TRP A 555 -5.66 -6.11 -7.37
C TRP A 555 -5.61 -5.51 -5.95
N PHE A 556 -5.34 -4.20 -5.84
CA PHE A 556 -5.49 -3.49 -4.56
C PHE A 556 -6.91 -3.65 -3.99
N LEU A 557 -7.90 -3.48 -4.86
CA LEU A 557 -9.29 -3.72 -4.48
C LEU A 557 -9.54 -5.21 -4.28
N ARG A 558 -9.16 -6.02 -5.26
CA ARG A 558 -9.37 -7.46 -5.19
C ARG A 558 -8.73 -8.11 -3.96
N SER A 559 -7.63 -7.53 -3.47
CA SER A 559 -6.96 -7.96 -2.24
C SER A 559 -7.81 -7.81 -0.97
N GLU A 560 -8.57 -6.71 -0.92
CA GLU A 560 -9.38 -6.39 0.25
C GLU A 560 -10.77 -6.99 0.11
N ILE A 561 -11.23 -7.18 -1.13
CA ILE A 561 -12.53 -7.79 -1.38
C ILE A 561 -12.51 -9.27 -0.98
N ALA A 562 -11.32 -9.86 -1.10
CA ALA A 562 -11.13 -11.29 -1.05
C ALA A 562 -11.03 -11.85 0.37
N GLN A 563 -10.18 -11.23 1.19
CA GLN A 563 -9.93 -11.74 2.56
C GLN A 563 -10.59 -10.89 3.63
N SER A 564 -10.60 -9.56 3.43
CA SER A 564 -11.16 -8.59 4.38
C SER A 564 -12.70 -8.42 4.33
N ARG A 565 -13.42 -9.13 5.20
CA ARG A 565 -14.89 -9.20 5.20
C ARG A 565 -15.62 -7.86 5.43
N HIS A 566 -14.98 -6.98 6.20
CA HIS A 566 -15.61 -5.73 6.66
C HIS A 566 -15.64 -4.67 5.56
N TYR A 567 -14.99 -4.97 4.44
CA TYR A 567 -14.91 -4.02 3.34
C TYR A 567 -15.10 -4.64 1.95
N GLN A 568 -15.41 -5.94 1.91
CA GLN A 568 -15.67 -6.59 0.63
C GLN A 568 -16.87 -5.97 -0.07
N GLN A 569 -17.91 -5.67 0.69
CA GLN A 569 -19.05 -4.93 0.14
C GLN A 569 -18.56 -3.66 -0.52
N ARG A 570 -17.95 -2.78 0.28
CA ARG A 570 -17.64 -1.42 -0.15
C ARG A 570 -16.68 -1.44 -1.33
N PHE A 571 -15.61 -2.21 -1.18
CA PHE A 571 -14.60 -2.31 -2.24
C PHE A 571 -15.12 -2.99 -3.51
N ALA A 572 -15.87 -4.10 -3.35
CA ALA A 572 -16.56 -4.75 -4.46
C ALA A 572 -17.51 -3.82 -5.22
N VAL A 573 -18.15 -2.88 -4.54
CA VAL A 573 -18.96 -1.91 -5.28
C VAL A 573 -18.00 -1.02 -6.09
N ILE A 574 -17.00 -0.47 -5.43
CA ILE A 574 -16.10 0.46 -6.08
C ILE A 574 -15.41 -0.18 -7.29
N LEU A 575 -15.03 -1.45 -7.14
CA LEU A 575 -14.33 -2.18 -8.20
C LEU A 575 -15.27 -2.48 -9.35
N GLU A 576 -16.44 -3.02 -9.02
CA GLU A 576 -17.43 -3.39 -10.01
C GLU A 576 -17.65 -2.21 -10.96
N ALA A 577 -17.78 -1.03 -10.36
CA ALA A 577 -17.90 0.23 -11.07
C ALA A 577 -16.74 0.46 -12.04
N TYR A 578 -15.52 0.17 -11.61
CA TYR A 578 -14.35 0.35 -12.46
C TYR A 578 -14.24 -0.69 -13.58
N LEU A 579 -14.53 -1.95 -13.26
CA LEU A 579 -14.36 -3.03 -14.22
C LEU A 579 -15.29 -2.91 -15.41
N ARG A 580 -16.51 -2.43 -15.16
CA ARG A 580 -17.47 -2.23 -16.22
C ARG A 580 -17.00 -1.16 -17.22
N GLY A 581 -16.32 -0.14 -16.69
CA GLY A 581 -16.01 1.04 -17.49
C GLY A 581 -14.57 1.22 -17.94
N CYS A 582 -13.78 0.17 -17.91
CA CYS A 582 -12.40 0.31 -18.38
C CYS A 582 -12.15 -0.40 -19.70
N GLY A 583 -13.21 -1.03 -20.22
CA GLY A 583 -13.20 -1.67 -21.52
C GLY A 583 -12.64 -3.07 -21.50
N THR A 584 -13.32 -3.99 -22.23
CA THR A 584 -12.87 -5.39 -22.35
C THR A 584 -11.40 -5.50 -22.79
N ALA A 585 -10.94 -4.48 -23.54
CA ALA A 585 -9.54 -4.36 -23.90
C ALA A 585 -8.69 -4.63 -22.66
N MET A 586 -8.87 -3.82 -21.63
CA MET A 586 -8.23 -4.09 -20.34
C MET A 586 -8.81 -5.34 -19.73
N LEU A 587 -10.15 -5.47 -19.77
CA LEU A 587 -10.91 -6.51 -19.06
C LEU A 587 -10.57 -7.96 -19.46
N HIS A 588 -9.99 -8.14 -20.64
CA HIS A 588 -9.61 -9.50 -21.02
C HIS A 588 -8.20 -9.91 -20.59
N ASP A 589 -7.54 -9.05 -19.80
CA ASP A 589 -6.27 -9.41 -19.18
C ASP A 589 -6.51 -9.75 -17.72
N PHE A 590 -7.55 -9.13 -17.15
CA PHE A 590 -8.00 -9.44 -15.80
C PHE A 590 -8.59 -10.85 -15.79
N THR A 591 -9.27 -11.22 -16.87
CA THR A 591 -9.82 -12.56 -17.05
C THR A 591 -8.69 -13.59 -17.04
N GLN A 592 -7.65 -13.30 -17.83
CA GLN A 592 -6.45 -14.14 -17.89
C GLN A 592 -5.96 -14.42 -16.49
N GLN A 593 -5.62 -13.34 -15.80
CA GLN A 593 -4.98 -13.41 -14.49
C GLN A 593 -5.90 -13.98 -13.41
N VAL A 594 -7.21 -13.91 -13.62
CA VAL A 594 -8.14 -14.55 -12.68
C VAL A 594 -8.11 -16.07 -12.81
N GLN A 595 -8.23 -16.60 -14.03
CA GLN A 595 -8.16 -18.05 -14.24
C GLN A 595 -6.86 -18.62 -13.68
N VAL A 596 -5.76 -17.93 -13.97
CA VAL A 596 -4.43 -18.48 -13.81
C VAL A 596 -4.00 -18.66 -12.35
N ILE A 597 -4.46 -17.81 -11.45
CA ILE A 597 -4.13 -18.05 -10.04
C ILE A 597 -5.09 -19.08 -9.44
N GLU A 598 -6.31 -19.13 -9.96
CA GLU A 598 -7.29 -20.15 -9.60
C GLU A 598 -6.80 -21.53 -10.04
N MET A 599 -6.00 -21.55 -11.09
CA MET A 599 -5.24 -22.71 -11.47
C MET A 599 -4.14 -22.94 -10.44
N LEU A 600 -3.37 -21.88 -10.13
CA LEU A 600 -2.23 -21.95 -9.21
C LEU A 600 -2.65 -22.04 -7.74
N GLN A 601 -3.89 -22.48 -7.56
CA GLN A 601 -4.49 -22.77 -6.25
C GLN A 601 -4.93 -24.23 -6.19
N LYS A 602 -5.65 -24.69 -7.21
CA LYS A 602 -6.06 -26.09 -7.29
C LYS A 602 -4.87 -27.03 -7.05
N VAL A 603 -3.66 -26.49 -7.21
CA VAL A 603 -2.44 -27.28 -7.09
C VAL A 603 -1.73 -26.99 -5.78
N THR A 604 -1.46 -25.70 -5.54
CA THR A 604 -0.79 -25.24 -4.33
C THR A 604 -1.44 -25.86 -3.09
N LEU A 605 -2.76 -26.04 -3.17
CA LEU A 605 -3.54 -26.62 -2.08
C LEU A 605 -3.71 -28.13 -2.19
N ASP A 606 -3.41 -28.69 -3.36
CA ASP A 606 -3.32 -30.15 -3.55
C ASP A 606 -1.95 -30.67 -3.10
N ILE A 607 -0.94 -29.85 -3.28
CA ILE A 607 0.41 -30.11 -2.75
C ILE A 607 0.39 -29.87 -1.25
N LYS A 608 -0.43 -28.91 -0.81
CA LYS A 608 -0.55 -28.58 0.62
C LYS A 608 -1.12 -29.77 1.42
N SER A 609 -1.71 -30.72 0.70
CA SER A 609 -2.29 -31.94 1.28
C SER A 609 -1.24 -32.77 2.03
N LEU A 610 -0.22 -33.25 1.30
CA LEU A 610 0.73 -34.26 1.80
C LEU A 610 2.00 -33.71 2.50
N SER A 611 1.80 -32.88 3.52
CA SER A 611 2.91 -32.37 4.33
C SER A 611 3.03 -33.15 5.63
N ALA A 612 4.19 -33.78 5.84
CA ALA A 612 4.50 -34.48 7.10
C ALA A 612 4.40 -33.55 8.30
N GLU A 613 5.12 -32.43 8.22
CA GLU A 613 5.02 -31.28 9.14
C GLU A 613 6.28 -30.44 9.02
N LYS A 614 7.41 -31.03 9.41
CA LYS A 614 8.69 -30.35 9.37
C LYS A 614 9.18 -30.27 7.93
N TYR A 615 9.72 -29.10 7.56
CA TYR A 615 10.46 -28.90 6.32
C TYR A 615 10.87 -30.19 5.57
N ASP A 616 10.14 -30.51 4.50
CA ASP A 616 10.56 -31.59 3.57
C ASP A 616 9.94 -31.51 2.17
N VAL A 617 10.57 -32.20 1.22
CA VAL A 617 10.13 -32.25 -0.17
C VAL A 617 10.44 -33.63 -0.75
N SER A 618 9.54 -34.59 -0.53
CA SER A 618 9.73 -35.94 -1.06
C SER A 618 9.46 -35.97 -2.57
N SER A 619 10.05 -36.95 -3.25
CA SER A 619 9.82 -37.15 -4.70
C SER A 619 8.32 -37.08 -4.96
N GLN A 620 7.60 -37.98 -4.29
CA GLN A 620 6.15 -37.97 -4.16
C GLN A 620 5.53 -36.57 -4.41
N VAL A 621 6.04 -35.55 -3.74
CA VAL A 621 5.44 -34.23 -3.81
C VAL A 621 5.79 -33.42 -5.09
N ILE A 622 7.04 -33.53 -5.57
CA ILE A 622 7.46 -32.81 -6.79
C ILE A 622 7.03 -33.58 -8.04
N SER A 623 7.14 -34.91 -7.98
CA SER A 623 6.70 -35.78 -9.08
C SER A 623 5.29 -35.38 -9.52
N GLN A 624 4.40 -35.19 -8.55
CA GLN A 624 3.04 -34.74 -8.81
C GLN A 624 2.98 -33.28 -9.25
N LEU A 625 3.81 -32.42 -8.63
CA LEU A 625 3.87 -30.97 -8.96
C LEU A 625 3.84 -30.77 -10.47
N LYS A 626 4.75 -31.46 -11.16
CA LYS A 626 4.82 -31.44 -12.63
C LYS A 626 3.62 -32.13 -13.26
N GLN A 627 3.30 -33.35 -12.79
CA GLN A 627 2.21 -34.16 -13.33
C GLN A 627 0.86 -33.45 -13.27
N LYS A 628 0.67 -32.63 -12.23
CA LYS A 628 -0.47 -31.73 -12.16
C LYS A 628 -0.42 -30.72 -13.30
N LEU A 629 0.71 -30.04 -13.42
CA LEU A 629 0.89 -28.92 -14.35
C LEU A 629 0.44 -29.18 -15.79
N GLU A 630 0.35 -30.47 -16.15
CA GLU A 630 -0.01 -30.87 -17.49
C GLU A 630 -1.48 -30.63 -17.79
N ASN A 631 -2.30 -30.65 -16.74
CA ASN A 631 -3.72 -30.37 -16.86
C ASN A 631 -4.06 -28.90 -16.69
N LEU A 632 -3.07 -28.13 -16.24
CA LEU A 632 -3.11 -26.69 -16.36
C LEU A 632 -2.48 -26.30 -17.70
N GLN A 633 -1.90 -27.29 -18.36
CA GLN A 633 -1.40 -27.14 -19.72
C GLN A 633 -2.30 -27.85 -20.76
N ASN A 634 -3.56 -28.05 -20.38
CA ASN A 634 -4.58 -28.57 -21.28
C ASN A 634 -5.87 -27.74 -21.21
N SER A 635 -6.02 -26.84 -22.18
CA SER A 635 -7.23 -26.03 -22.36
C SER A 635 -7.71 -25.32 -21.08
N GLN A 636 -6.75 -24.80 -20.29
CA GLN A 636 -7.11 -24.12 -19.03
C GLN A 636 -6.35 -22.81 -18.75
N LEU A 637 -5.07 -22.77 -19.11
CA LEU A 637 -4.33 -21.50 -19.18
C LEU A 637 -4.54 -20.97 -20.60
N PRO A 638 -4.79 -19.66 -20.73
CA PRO A 638 -4.81 -19.07 -22.07
C PRO A 638 -3.44 -18.47 -22.40
N GLU A 639 -2.85 -18.96 -23.49
CA GLU A 639 -1.47 -18.64 -23.91
C GLU A 639 -0.60 -17.98 -22.84
N SER A 640 -0.85 -16.70 -22.59
CA SER A 640 -0.08 -15.92 -21.63
C SER A 640 -0.97 -15.20 -20.63
N PHE A 641 -0.36 -14.33 -19.84
CA PHE A 641 -1.04 -13.46 -18.88
C PHE A 641 -0.06 -12.44 -18.35
N ARG A 642 -0.55 -11.24 -18.02
CA ARG A 642 0.28 -10.17 -17.48
C ARG A 642 0.79 -10.52 -16.10
N VAL A 643 2.01 -10.09 -15.79
CA VAL A 643 2.54 -10.34 -14.45
C VAL A 643 1.88 -9.40 -13.44
N PRO A 644 1.09 -9.95 -12.51
CA PRO A 644 0.39 -9.10 -11.56
C PRO A 644 1.21 -7.90 -11.07
N TYR A 645 2.44 -8.11 -10.65
CA TYR A 645 3.24 -7.01 -10.12
C TYR A 645 3.97 -6.17 -11.18
N ASP A 646 4.02 -6.67 -12.41
CA ASP A 646 4.77 -5.98 -13.45
C ASP A 646 3.88 -5.84 -14.66
N PRO A 647 3.21 -4.69 -14.78
CA PRO A 647 2.08 -4.56 -15.72
C PRO A 647 2.45 -4.96 -17.14
N GLY A 648 3.55 -4.40 -17.64
CA GLY A 648 3.97 -4.60 -19.03
C GLY A 648 4.52 -5.98 -19.35
N LEU A 649 4.79 -6.77 -18.32
CA LEU A 649 5.32 -8.12 -18.52
C LEU A 649 4.23 -9.15 -18.78
N LYS A 650 4.37 -9.84 -19.91
CA LYS A 650 3.48 -10.91 -20.31
C LYS A 650 4.10 -12.27 -20.01
N ALA A 651 3.76 -12.82 -18.84
CA ALA A 651 4.13 -14.19 -18.51
C ALA A 651 3.33 -15.18 -19.37
N GLY A 652 4.02 -16.03 -20.10
CA GLY A 652 3.35 -16.92 -21.02
C GLY A 652 3.32 -18.40 -20.67
N ALA A 653 4.15 -19.16 -21.38
CA ALA A 653 4.15 -20.61 -21.30
C ALA A 653 4.83 -21.12 -20.03
N LEU A 654 4.64 -22.41 -19.80
CA LEU A 654 5.13 -23.04 -18.59
C LEU A 654 6.45 -23.80 -18.77
N ALA A 655 7.45 -23.38 -17.98
CA ALA A 655 8.67 -24.15 -17.79
C ALA A 655 8.39 -25.15 -16.65
N ILE A 656 7.81 -26.30 -17.01
CA ILE A 656 7.36 -27.29 -16.01
C ILE A 656 8.53 -28.03 -15.38
N GLU A 657 9.62 -28.16 -16.16
CA GLU A 657 10.86 -28.77 -15.70
C GLU A 657 11.59 -27.96 -14.63
N LYS A 658 11.23 -26.68 -14.49
CA LYS A 658 11.90 -25.76 -13.56
C LYS A 658 11.06 -25.40 -12.33
N CYS A 659 9.76 -25.70 -12.39
CA CYS A 659 8.84 -25.50 -11.26
C CYS A 659 9.17 -26.44 -10.11
N LYS A 660 9.16 -25.92 -8.89
CA LYS A 660 9.45 -26.74 -7.72
C LYS A 660 8.52 -26.44 -6.54
N VAL A 661 8.93 -26.91 -5.36
CA VAL A 661 8.15 -26.74 -4.14
C VAL A 661 9.13 -26.49 -3.00
N MET A 662 9.37 -25.21 -2.72
CA MET A 662 10.42 -24.80 -1.77
C MET A 662 10.17 -25.34 -0.35
N ALA A 663 11.17 -26.09 0.16
CA ALA A 663 11.13 -26.75 1.46
C ALA A 663 10.58 -25.92 2.65
N SER A 664 10.51 -24.60 2.46
CA SER A 664 10.04 -23.66 3.49
C SER A 664 8.79 -24.12 4.24
N LYS A 665 8.65 -23.66 5.49
CA LYS A 665 7.61 -24.11 6.43
C LYS A 665 6.22 -24.20 5.79
N LYS A 666 5.73 -23.06 5.34
CA LYS A 666 4.56 -22.96 4.45
C LYS A 666 5.10 -23.45 3.09
N LYS A 667 4.24 -24.05 2.27
CA LYS A 667 4.76 -24.64 1.04
C LYS A 667 4.45 -23.79 -0.19
N PRO A 668 5.40 -22.93 -0.60
CA PRO A 668 5.18 -22.10 -1.77
C PRO A 668 5.51 -22.91 -3.03
N LEU A 669 5.62 -22.23 -4.16
CA LEU A 669 5.97 -22.87 -5.42
C LEU A 669 6.91 -21.97 -6.24
N TRP A 670 8.17 -22.40 -6.40
CA TRP A 670 9.09 -21.71 -7.30
C TRP A 670 8.71 -22.08 -8.73
N LEU A 671 7.94 -21.19 -9.37
CA LEU A 671 7.50 -21.37 -10.75
C LEU A 671 8.20 -20.37 -11.66
N GLU A 672 8.46 -20.76 -12.89
CA GLU A 672 9.12 -19.88 -13.87
C GLU A 672 8.32 -19.86 -15.15
N PHE A 673 8.46 -18.79 -15.95
CA PHE A 673 7.65 -18.67 -17.15
C PHE A 673 8.38 -18.08 -18.35
N LYS A 674 8.11 -18.67 -19.51
CA LYS A 674 8.61 -18.16 -20.77
C LYS A 674 7.88 -16.85 -21.02
N CYS A 675 8.63 -15.77 -21.19
CA CYS A 675 8.01 -14.51 -21.57
C CYS A 675 7.44 -14.69 -22.97
N ALA A 676 6.13 -14.45 -23.10
CA ALA A 676 5.44 -14.66 -24.36
C ALA A 676 5.73 -13.57 -25.40
N ASP A 677 6.54 -12.60 -25.03
CA ASP A 677 6.90 -11.52 -25.92
C ASP A 677 7.91 -12.01 -26.96
N PRO A 678 7.51 -12.03 -28.25
CA PRO A 678 8.43 -12.53 -29.28
C PRO A 678 9.61 -11.59 -29.45
N THR A 679 9.38 -10.30 -29.23
CA THR A 679 10.41 -9.27 -29.36
C THR A 679 11.11 -8.96 -28.04
N ALA A 680 11.48 -10.02 -27.32
CA ALA A 680 12.29 -9.89 -26.12
C ALA A 680 13.75 -9.60 -26.50
N LEU A 681 14.65 -9.65 -25.51
CA LEU A 681 16.01 -9.18 -25.71
C LEU A 681 17.06 -10.16 -25.16
N SER A 682 16.68 -10.86 -24.08
CA SER A 682 17.53 -11.87 -23.46
C SER A 682 16.77 -13.20 -23.42
N ASN A 683 17.14 -14.09 -22.49
CA ASN A 683 16.49 -15.40 -22.34
C ASN A 683 16.40 -16.03 -20.92
N GLU A 684 16.57 -15.22 -19.87
CA GLU A 684 16.16 -15.68 -18.54
C GLU A 684 14.64 -15.68 -18.56
N THR A 685 14.04 -16.70 -17.95
CA THR A 685 12.59 -16.81 -17.90
C THR A 685 11.98 -15.82 -16.87
N ILE A 686 10.78 -16.11 -16.39
CA ILE A 686 10.12 -15.30 -15.38
C ILE A 686 9.87 -16.11 -14.10
N GLY A 687 10.80 -16.04 -13.17
CA GLY A 687 10.63 -16.69 -11.89
C GLY A 687 9.60 -15.93 -11.10
N ILE A 688 8.61 -16.65 -10.59
CA ILE A 688 7.58 -16.07 -9.73
C ILE A 688 7.27 -17.01 -8.58
N ILE A 689 7.47 -16.54 -7.35
CA ILE A 689 7.08 -17.29 -6.17
C ILE A 689 5.56 -17.24 -6.04
N PHE A 690 4.94 -18.39 -5.80
CA PHE A 690 3.50 -18.43 -5.52
C PHE A 690 3.14 -19.06 -4.15
N LYS A 691 3.19 -18.25 -3.09
CA LYS A 691 2.89 -18.73 -1.74
C LYS A 691 1.39 -18.96 -1.51
N HIS A 692 1.04 -19.39 -0.29
CA HIS A 692 -0.35 -19.52 0.19
C HIS A 692 -0.32 -19.71 1.71
N GLY A 693 -1.45 -19.41 2.38
CA GLY A 693 -1.52 -19.47 3.83
C GLY A 693 -1.01 -18.19 4.47
N ASP A 694 -0.84 -17.15 3.65
CA ASP A 694 -0.31 -15.85 4.07
C ASP A 694 -1.24 -14.72 3.63
N ASP A 695 -1.39 -13.72 4.49
CA ASP A 695 -2.03 -12.44 4.12
C ASP A 695 -0.93 -11.46 3.73
N LEU A 696 -1.01 -10.94 2.51
CA LEU A 696 0.12 -10.28 1.86
C LEU A 696 0.08 -8.78 2.03
N ARG A 697 -1.14 -8.25 2.23
CA ARG A 697 -1.35 -6.79 2.37
C ARG A 697 -0.33 -6.10 3.28
N GLN A 698 0.38 -6.90 4.08
CA GLN A 698 1.36 -6.38 5.03
C GLN A 698 2.68 -6.13 4.29
N ASP A 699 3.31 -7.20 3.79
CA ASP A 699 4.50 -7.09 2.95
C ASP A 699 4.27 -6.01 1.88
N MET A 700 3.16 -6.14 1.17
CA MET A 700 2.78 -5.29 0.05
C MET A 700 2.81 -3.79 0.37
N LEU A 701 2.32 -3.45 1.55
CA LEU A 701 2.21 -2.07 2.00
C LEU A 701 3.59 -1.52 2.35
N ILE A 702 4.45 -2.41 2.83
CA ILE A 702 5.79 -2.04 3.28
C ILE A 702 6.71 -1.63 2.14
N LEU A 703 6.54 -2.27 0.98
CA LEU A 703 7.28 -1.90 -0.22
C LEU A 703 6.97 -0.45 -0.57
N GLN A 704 5.73 -0.04 -0.31
CA GLN A 704 5.30 1.28 -0.68
C GLN A 704 5.77 2.36 0.30
N ILE A 705 6.14 1.95 1.51
CA ILE A 705 6.92 2.80 2.37
C ILE A 705 8.26 2.96 1.67
N LEU A 706 9.13 1.96 1.81
CA LEU A 706 10.48 1.94 1.21
C LEU A 706 10.66 2.76 -0.06
N ARG A 707 9.74 2.58 -0.99
CA ARG A 707 9.78 3.33 -2.23
C ARG A 707 9.80 4.81 -1.91
N ILE A 708 8.70 5.29 -1.31
CA ILE A 708 8.59 6.70 -0.89
C ILE A 708 9.87 7.21 -0.22
N MET A 709 10.52 6.34 0.55
CA MET A 709 11.75 6.70 1.19
C MET A 709 12.83 7.06 0.16
N GLU A 710 12.93 6.28 -0.91
CA GLU A 710 13.87 6.63 -1.96
C GLU A 710 13.42 7.78 -2.86
N SER A 711 12.10 7.95 -3.04
CA SER A 711 11.61 9.09 -3.83
C SER A 711 11.89 10.38 -3.08
N ILE A 712 11.86 10.31 -1.76
CA ILE A 712 12.24 11.42 -0.90
C ILE A 712 13.72 11.76 -1.07
N TRP A 713 14.57 10.73 -1.08
CA TRP A 713 16.00 10.90 -1.25
C TRP A 713 16.44 11.46 -2.60
N GLU A 714 15.57 11.32 -3.60
CA GLU A 714 15.83 11.87 -4.92
C GLU A 714 15.74 13.40 -4.91
N THR A 715 14.87 13.92 -4.05
CA THR A 715 14.70 15.37 -3.88
C THR A 715 15.91 15.99 -3.18
N GLU A 716 16.59 15.16 -2.39
CA GLU A 716 17.85 15.55 -1.77
C GLU A 716 19.03 15.27 -2.69
N SER A 717 18.72 14.62 -3.82
CA SER A 717 19.72 14.18 -4.82
C SER A 717 20.62 13.07 -4.24
N LEU A 718 20.01 11.93 -3.91
CA LEU A 718 20.70 10.81 -3.27
C LEU A 718 20.12 9.45 -3.66
N ASP A 719 20.99 8.44 -3.77
CA ASP A 719 20.58 7.07 -4.04
C ASP A 719 21.10 6.09 -2.98
N LEU A 720 20.28 5.08 -2.69
CA LEU A 720 20.61 4.04 -1.71
C LEU A 720 20.25 2.63 -2.20
N CYS A 721 19.69 2.54 -3.40
CA CYS A 721 19.58 1.27 -4.14
C CYS A 721 18.55 0.24 -3.64
N LEU A 722 17.77 0.63 -2.64
CA LEU A 722 16.76 -0.27 -2.07
C LEU A 722 16.04 -1.03 -3.19
N LEU A 723 16.22 -2.35 -3.21
CA LEU A 723 15.54 -3.17 -4.20
C LEU A 723 14.16 -3.68 -3.69
N PRO A 724 13.10 -2.87 -3.87
CA PRO A 724 11.83 -3.37 -3.38
C PRO A 724 11.16 -4.16 -4.48
N TYR A 725 11.26 -5.48 -4.39
CA TYR A 725 10.68 -6.39 -5.37
C TYR A 725 9.16 -6.20 -5.53
N GLY A 726 8.58 -6.90 -6.49
CA GLY A 726 7.14 -6.85 -6.71
C GLY A 726 6.46 -7.88 -5.85
N CYS A 727 5.20 -7.64 -5.50
CA CYS A 727 4.39 -8.55 -4.69
C CYS A 727 2.93 -8.12 -4.79
N ILE A 728 2.00 -9.07 -4.69
CA ILE A 728 0.56 -8.80 -4.92
C ILE A 728 -0.33 -9.78 -4.17
N SER A 729 -1.49 -9.32 -3.67
CA SER A 729 -2.45 -10.28 -3.12
C SER A 729 -3.50 -10.69 -4.15
N THR A 730 -3.22 -11.78 -4.86
CA THR A 730 -4.01 -12.23 -6.00
C THR A 730 -5.42 -12.74 -5.68
N GLY A 731 -5.60 -13.27 -4.48
CA GLY A 731 -6.91 -13.74 -4.07
C GLY A 731 -6.91 -13.77 -2.55
N ASP A 732 -7.60 -14.78 -1.99
CA ASP A 732 -7.67 -14.91 -0.53
C ASP A 732 -6.28 -15.19 0.06
N LYS A 733 -6.22 -16.06 1.10
CA LYS A 733 -4.97 -16.23 1.86
C LYS A 733 -3.77 -16.68 1.00
N ILE A 734 -3.55 -15.94 -0.10
CA ILE A 734 -2.70 -16.43 -1.20
C ILE A 734 -2.31 -15.31 -2.19
N GLY A 735 -1.04 -15.32 -2.62
CA GLY A 735 -0.54 -14.34 -3.58
C GLY A 735 0.77 -14.74 -4.23
N MET A 736 1.38 -13.81 -4.98
CA MET A 736 2.67 -14.08 -5.65
C MET A 736 3.71 -12.93 -5.69
N ILE A 737 4.99 -13.32 -5.55
CA ILE A 737 6.11 -12.43 -5.23
C ILE A 737 7.23 -12.52 -6.27
N GLU A 738 7.90 -11.39 -6.55
CA GLU A 738 8.98 -11.30 -7.54
C GLU A 738 10.21 -12.12 -7.18
N ILE A 739 10.76 -12.82 -8.17
CA ILE A 739 11.99 -13.60 -8.02
C ILE A 739 13.14 -12.81 -8.60
N VAL A 740 14.01 -12.30 -7.74
CA VAL A 740 15.08 -11.43 -8.23
C VAL A 740 16.28 -12.26 -8.61
N LYS A 741 16.39 -12.53 -9.90
CA LYS A 741 17.52 -13.24 -10.45
C LYS A 741 18.88 -12.76 -9.93
N ASP A 742 19.81 -13.70 -9.77
CA ASP A 742 21.22 -13.46 -9.39
C ASP A 742 21.45 -12.97 -7.95
N ALA A 743 20.71 -13.55 -7.00
CA ALA A 743 20.81 -13.16 -5.60
C ALA A 743 20.87 -14.38 -4.71
N THR A 744 21.25 -14.18 -3.46
CA THR A 744 21.18 -15.23 -2.44
C THR A 744 20.91 -14.61 -1.08
N THR A 745 20.65 -15.46 -0.09
CA THR A 745 20.37 -15.01 1.24
C THR A 745 21.67 -14.90 2.01
N ILE A 746 21.66 -14.09 3.06
CA ILE A 746 22.75 -14.07 4.03
C ILE A 746 22.87 -15.39 4.80
N ALA A 747 21.79 -16.17 4.86
CA ALA A 747 21.80 -17.48 5.50
C ALA A 747 22.62 -18.50 4.70
N LYS A 748 22.19 -18.78 3.47
CA LYS A 748 22.86 -19.75 2.60
C LYS A 748 24.38 -19.56 2.50
N ILE A 749 24.83 -18.29 2.49
CA ILE A 749 26.26 -17.97 2.35
C ILE A 749 27.10 -18.45 3.53
N GLN A 750 26.72 -18.07 4.75
CA GLN A 750 27.43 -18.53 5.96
C GLN A 750 27.35 -20.06 6.03
N GLN A 751 26.25 -20.61 5.51
CA GLN A 751 26.05 -22.05 5.40
C GLN A 751 26.98 -22.69 4.35
N SER A 752 27.36 -21.92 3.34
CA SER A 752 28.12 -22.46 2.18
C SER A 752 29.65 -22.44 2.34
N THR A 753 30.15 -21.65 3.29
CA THR A 753 31.57 -21.65 3.64
C THR A 753 31.77 -22.40 4.95
N VAL A 754 31.12 -21.93 6.01
CA VAL A 754 31.22 -22.55 7.33
C VAL A 754 30.08 -23.55 7.54
N GLY A 755 30.27 -24.48 8.47
CA GLY A 755 29.40 -25.66 8.65
C GLY A 755 27.91 -25.50 8.84
N ASN A 756 27.32 -26.37 9.67
CA ASN A 756 25.88 -26.41 9.89
C ASN A 756 25.35 -25.16 10.60
N THR A 757 25.84 -24.92 11.81
CA THR A 757 25.63 -23.66 12.51
C THR A 757 27.00 -23.16 12.96
N GLY A 758 27.96 -24.09 12.97
CA GLY A 758 29.35 -23.86 13.42
C GLY A 758 29.86 -22.44 13.24
N ALA A 759 29.91 -21.71 14.36
CA ALA A 759 30.41 -20.33 14.42
C ALA A 759 29.77 -19.38 13.39
N PHE A 760 30.47 -18.30 13.08
CA PHE A 760 30.18 -17.42 11.96
C PHE A 760 31.48 -16.73 11.57
N LYS A 761 32.16 -17.27 10.56
CA LYS A 761 33.40 -16.67 10.07
C LYS A 761 33.09 -15.35 9.40
N ASP A 762 34.04 -14.43 9.43
CA ASP A 762 33.77 -13.03 9.05
C ASP A 762 34.04 -12.70 7.59
N GLU A 763 35.30 -12.84 7.17
CA GLU A 763 35.73 -12.52 5.80
C GLU A 763 34.90 -13.20 4.72
N VAL A 764 34.22 -14.28 5.12
CA VAL A 764 33.31 -15.05 4.28
C VAL A 764 32.65 -14.21 3.19
N LEU A 765 32.04 -13.10 3.60
CA LEU A 765 31.22 -12.26 2.72
C LEU A 765 32.05 -11.63 1.61
N ASN A 766 33.20 -11.07 1.97
CA ASN A 766 34.03 -10.30 1.04
C ASN A 766 34.47 -11.11 -0.18
N HIS A 767 34.76 -12.40 0.03
CA HIS A 767 35.13 -13.30 -1.05
C HIS A 767 33.94 -13.64 -1.97
N TRP A 768 32.78 -13.94 -1.39
CA TRP A 768 31.58 -14.27 -2.17
C TRP A 768 31.35 -13.30 -3.32
N LEU A 769 31.76 -12.06 -3.11
CA LEU A 769 31.64 -10.99 -4.09
C LEU A 769 32.84 -11.04 -5.03
N LYS A 770 34.04 -11.12 -4.43
CA LYS A 770 35.29 -11.29 -5.17
C LYS A 770 35.18 -12.45 -6.15
N GLU A 771 34.49 -13.51 -5.74
CA GLU A 771 34.36 -14.72 -6.58
C GLU A 771 33.22 -14.64 -7.58
N LYS A 772 32.39 -13.62 -7.43
CA LYS A 772 31.33 -13.36 -8.40
C LYS A 772 31.59 -12.12 -9.25
N SER A 773 32.73 -11.47 -9.00
CA SER A 773 33.22 -10.40 -9.87
C SER A 773 34.15 -10.98 -10.94
N PRO A 774 33.74 -10.89 -12.21
CA PRO A 774 34.55 -11.41 -13.30
C PRO A 774 35.75 -10.51 -13.63
N THR A 775 35.49 -9.20 -13.68
CA THR A 775 36.52 -8.23 -14.04
C THR A 775 37.23 -7.73 -12.80
N GLU A 776 38.49 -7.35 -12.98
CA GLU A 776 39.34 -6.81 -11.92
C GLU A 776 38.72 -5.56 -11.29
N GLU A 777 37.99 -4.80 -12.10
CA GLU A 777 37.31 -3.61 -11.60
C GLU A 777 36.10 -3.98 -10.73
N LYS A 778 35.09 -4.63 -11.33
CA LYS A 778 33.73 -4.76 -10.76
C LYS A 778 33.59 -5.25 -9.31
N PHE A 779 34.70 -5.61 -8.68
CA PHE A 779 34.71 -5.84 -7.24
C PHE A 779 34.67 -4.52 -6.48
N GLN A 780 35.20 -3.47 -7.10
CA GLN A 780 35.14 -2.11 -6.55
C GLN A 780 33.76 -1.50 -6.88
N ALA A 781 33.29 -1.73 -8.11
CA ALA A 781 31.99 -1.24 -8.58
C ALA A 781 30.80 -1.83 -7.81
N ALA A 782 30.96 -3.06 -7.34
CA ALA A 782 29.96 -3.72 -6.50
C ALA A 782 30.03 -3.25 -5.05
N VAL A 783 31.26 -3.00 -4.58
CA VAL A 783 31.48 -2.43 -3.24
C VAL A 783 30.92 -1.01 -3.17
N GLU A 784 31.06 -0.27 -4.26
CA GLU A 784 30.36 1.00 -4.46
C GLU A 784 28.84 0.86 -4.26
N ARG A 785 28.26 -0.21 -4.80
CA ARG A 785 26.81 -0.46 -4.72
C ARG A 785 26.36 -1.04 -3.39
N PHE A 786 27.26 -1.78 -2.72
CA PHE A 786 26.92 -2.42 -1.45
C PHE A 786 26.81 -1.45 -0.30
N VAL A 787 27.84 -0.61 -0.15
CA VAL A 787 27.87 0.40 0.90
C VAL A 787 26.66 1.35 0.80
N TYR A 788 26.40 1.85 -0.41
CA TYR A 788 25.20 2.64 -0.64
C TYR A 788 23.95 1.83 -0.34
N SER A 789 23.92 0.56 -0.76
CA SER A 789 22.72 -0.28 -0.60
C SER A 789 22.44 -0.68 0.85
N CYS A 790 23.52 -0.83 1.62
CA CYS A 790 23.40 -1.18 3.02
C CYS A 790 22.82 -0.03 3.85
N ALA A 791 23.39 1.15 3.68
CA ALA A 791 23.01 2.37 4.43
C ALA A 791 21.50 2.68 4.48
N GLY A 792 20.79 2.38 3.39
CA GLY A 792 19.35 2.59 3.34
C GLY A 792 18.57 1.58 4.18
N TYR A 793 18.90 0.31 3.98
CA TYR A 793 18.38 -0.77 4.83
C TYR A 793 18.98 -0.67 6.23
N CYS A 794 19.02 0.56 6.72
CA CYS A 794 19.38 0.87 8.10
C CYS A 794 18.40 1.96 8.47
N VAL A 795 18.65 3.17 7.93
CA VAL A 795 17.75 4.30 8.19
C VAL A 795 16.29 3.81 8.12
N ALA A 796 15.92 3.21 6.99
CA ALA A 796 14.55 2.73 6.76
C ALA A 796 14.18 1.57 7.67
N THR A 797 15.04 0.55 7.69
CA THR A 797 14.79 -0.65 8.48
C THR A 797 14.65 -0.30 9.96
N PHE A 798 15.25 0.82 10.34
CA PHE A 798 15.26 1.30 11.72
C PHE A 798 14.06 2.20 12.00
N VAL A 799 13.80 3.13 11.08
CA VAL A 799 12.68 4.04 11.23
C VAL A 799 11.39 3.24 11.37
N LEU A 800 11.20 2.26 10.49
CA LEU A 800 10.05 1.34 10.55
C LEU A 800 10.17 0.34 11.69
N GLY A 801 11.34 0.31 12.31
CA GLY A 801 11.57 -0.50 13.47
C GLY A 801 11.32 -1.94 13.15
N ILE A 802 12.00 -2.45 12.14
CA ILE A 802 12.09 -3.87 11.86
C ILE A 802 13.46 -4.19 11.28
N GLY A 803 14.49 -3.93 12.09
CA GLY A 803 15.88 -4.00 11.63
C GLY A 803 16.64 -5.22 12.08
N ASP A 804 16.29 -5.74 13.25
CA ASP A 804 16.76 -7.05 13.67
C ASP A 804 15.77 -8.07 13.12
N ARG A 805 16.18 -8.86 12.13
CA ARG A 805 15.26 -9.82 11.49
C ARG A 805 15.83 -11.24 11.47
N HIS A 806 14.93 -12.24 11.59
CA HIS A 806 15.33 -13.67 11.56
C HIS A 806 16.50 -13.81 10.55
N ASN A 807 17.71 -14.06 11.06
CA ASN A 807 18.95 -14.27 10.25
C ASN A 807 18.79 -14.74 8.79
N ASP A 808 17.82 -15.63 8.59
CA ASP A 808 17.55 -16.31 7.33
C ASP A 808 16.89 -15.42 6.27
N ASN A 809 16.65 -14.15 6.61
CA ASN A 809 15.81 -13.24 5.81
C ASN A 809 16.41 -11.93 5.34
N ILE A 810 17.74 -11.87 5.22
CA ILE A 810 18.39 -10.77 4.53
C ILE A 810 18.97 -11.30 3.24
N MET A 811 18.63 -10.65 2.13
CA MET A 811 19.12 -11.07 0.83
C MET A 811 20.04 -10.07 0.16
N ILE A 812 20.72 -10.55 -0.88
CA ILE A 812 21.82 -9.84 -1.51
C ILE A 812 22.09 -10.34 -2.94
N THR A 813 22.03 -9.42 -3.89
CA THR A 813 22.32 -9.71 -5.29
C THR A 813 23.80 -10.01 -5.48
N GLU A 814 24.12 -10.79 -6.52
CA GLU A 814 25.51 -11.05 -6.89
C GLU A 814 26.16 -9.74 -7.35
N THR A 815 25.35 -8.70 -7.53
CA THR A 815 25.85 -7.42 -8.00
C THR A 815 25.97 -6.34 -6.89
N GLY A 816 26.68 -6.70 -5.81
CA GLY A 816 26.94 -5.78 -4.70
C GLY A 816 25.73 -5.43 -3.84
N ASN A 817 24.65 -5.03 -4.51
CA ASN A 817 23.38 -4.62 -3.87
C ASN A 817 22.77 -5.65 -2.91
N LEU A 818 22.11 -5.16 -1.86
CA LEU A 818 21.36 -6.04 -0.96
C LEU A 818 20.00 -5.46 -0.56
N PHE A 819 19.12 -6.34 -0.09
CA PHE A 819 17.70 -6.05 0.15
C PHE A 819 17.08 -7.05 1.12
N HIS A 820 16.43 -6.56 2.17
CA HIS A 820 15.69 -7.44 3.09
C HIS A 820 14.50 -8.04 2.36
N ILE A 821 14.28 -9.35 2.50
CA ILE A 821 13.14 -10.01 1.88
C ILE A 821 11.91 -10.04 2.78
N ASP A 822 11.40 -11.24 3.05
CA ASP A 822 10.11 -11.45 3.73
C ASP A 822 9.83 -10.55 4.94
N PHE A 823 8.69 -9.86 4.91
CA PHE A 823 8.25 -9.12 6.09
C PHE A 823 7.06 -9.81 6.74
N GLY A 824 7.22 -11.11 7.00
CA GLY A 824 6.23 -11.93 7.73
C GLY A 824 5.89 -11.29 9.07
N HIS A 825 6.73 -11.55 10.08
CA HIS A 825 6.77 -10.68 11.26
C HIS A 825 8.17 -10.42 11.80
N VAL A 841 18.77 -5.65 18.37
CA VAL A 841 19.58 -4.66 17.67
C VAL A 841 18.67 -3.74 16.85
N PRO A 842 18.95 -2.42 16.87
CA PRO A 842 18.20 -1.47 16.04
C PRO A 842 18.17 -1.84 14.56
N PHE A 843 19.27 -2.41 14.05
CA PHE A 843 19.33 -2.88 12.66
C PHE A 843 20.40 -3.95 12.43
N VAL A 844 20.16 -4.84 11.47
CA VAL A 844 21.13 -5.90 11.13
C VAL A 844 22.35 -5.31 10.42
N LEU A 845 23.45 -5.20 11.17
CA LEU A 845 24.75 -4.77 10.62
C LEU A 845 25.86 -5.68 11.12
N THR A 846 25.91 -6.90 10.59
CA THR A 846 26.80 -7.92 11.14
C THR A 846 28.27 -7.76 10.72
N PRO A 847 29.21 -8.10 11.63
CA PRO A 847 30.66 -8.04 11.45
C PRO A 847 31.17 -8.13 10.02
N ASP A 848 30.61 -9.06 9.23
CA ASP A 848 31.05 -9.27 7.85
C ASP A 848 30.78 -8.07 6.94
N PHE A 849 29.63 -7.43 7.14
CA PHE A 849 29.29 -6.18 6.44
C PHE A 849 30.37 -5.15 6.73
N LEU A 850 30.70 -5.01 8.01
CA LEU A 850 31.76 -4.10 8.45
C LEU A 850 33.08 -4.42 7.77
N PHE A 851 33.36 -5.71 7.58
CA PHE A 851 34.58 -6.17 6.89
C PHE A 851 34.51 -5.89 5.37
N VAL A 852 33.31 -5.75 4.84
CA VAL A 852 33.14 -5.38 3.44
C VAL A 852 33.37 -3.87 3.26
N MET A 853 33.51 -3.16 4.37
CA MET A 853 33.83 -1.72 4.34
C MET A 853 35.32 -1.45 4.48
N GLY A 854 36.02 -2.36 5.15
CA GLY A 854 37.45 -2.23 5.42
C GLY A 854 37.78 -2.23 6.90
N THR A 855 36.76 -2.45 7.72
CA THR A 855 36.90 -2.48 9.17
C THR A 855 36.76 -3.92 9.68
N SER A 856 37.84 -4.44 10.28
CA SER A 856 37.81 -5.80 10.84
C SER A 856 37.06 -5.84 12.17
N GLY A 857 37.06 -4.71 12.88
CA GLY A 857 36.40 -4.60 14.17
C GLY A 857 36.78 -3.31 14.89
N LYS A 858 35.93 -2.29 14.72
CA LYS A 858 36.10 -0.95 15.32
C LYS A 858 37.33 -0.14 14.82
N LYS A 859 37.41 0.03 13.49
CA LYS A 859 38.38 0.90 12.84
C LYS A 859 37.69 1.65 11.69
N THR A 860 38.43 2.47 10.96
CA THR A 860 37.82 3.28 9.89
C THR A 860 38.66 3.23 8.62
N SER A 861 37.98 3.37 7.48
CA SER A 861 38.62 3.26 6.17
C SER A 861 37.83 4.03 5.09
N PRO A 862 38.47 4.34 3.94
CA PRO A 862 37.90 5.24 2.91
C PRO A 862 36.51 4.85 2.40
N HIS A 863 36.02 3.67 2.79
CA HIS A 863 34.67 3.24 2.45
C HIS A 863 33.71 3.29 3.65
N PHE A 864 34.23 3.00 4.85
CA PHE A 864 33.44 3.14 6.08
C PHE A 864 33.27 4.61 6.49
N GLN A 865 34.35 5.39 6.34
CA GLN A 865 34.30 6.85 6.43
C GLN A 865 33.08 7.37 5.68
N LYS A 866 32.78 6.71 4.56
CA LYS A 866 31.63 7.04 3.74
C LYS A 866 30.35 6.49 4.37
N PHE A 867 30.37 5.20 4.77
CA PHE A 867 29.19 4.54 5.35
C PHE A 867 28.44 5.45 6.32
N GLN A 868 29.13 5.81 7.39
CA GLN A 868 28.59 6.68 8.44
C GLN A 868 27.94 7.90 7.80
N ASP A 869 28.74 8.63 7.03
CA ASP A 869 28.34 9.88 6.40
C ASP A 869 27.08 9.77 5.50
N ILE A 870 26.89 8.61 4.86
CA ILE A 870 25.74 8.43 3.97
C ILE A 870 24.45 8.24 4.76
N CYS A 871 24.48 7.31 5.71
CA CYS A 871 23.31 7.04 6.56
C CYS A 871 22.76 8.34 7.11
N VAL A 872 23.64 9.12 7.75
CA VAL A 872 23.26 10.36 8.43
C VAL A 872 22.72 11.45 7.50
N LYS A 873 23.51 11.82 6.48
CA LYS A 873 23.07 12.78 5.47
C LYS A 873 21.72 12.35 4.88
N ALA A 874 21.47 11.05 4.89
CA ALA A 874 20.20 10.49 4.45
C ALA A 874 19.16 10.48 5.57
N TYR A 875 19.62 10.29 6.81
CA TYR A 875 18.75 10.25 7.97
C TYR A 875 18.14 11.62 8.22
N LEU A 876 18.95 12.68 8.14
CA LEU A 876 18.41 14.04 8.23
C LEU A 876 17.55 14.34 7.00
N ALA A 877 18.00 13.87 5.84
CA ALA A 877 17.21 13.97 4.61
C ALA A 877 15.82 13.39 4.85
N LEU A 878 15.77 12.16 5.36
CA LEU A 878 14.49 11.56 5.74
C LEU A 878 13.80 12.24 6.93
N ARG A 879 14.60 12.80 7.84
CA ARG A 879 14.07 13.57 8.97
C ARG A 879 13.39 14.85 8.50
N HIS A 880 14.05 15.56 7.57
CA HIS A 880 13.44 16.73 6.93
C HIS A 880 12.26 16.26 6.07
N HIS A 881 11.22 15.80 6.77
CA HIS A 881 10.06 15.13 6.19
C HIS A 881 9.34 14.35 7.28
N THR A 882 9.82 14.53 8.51
CA THR A 882 9.28 13.87 9.70
C THR A 882 7.80 13.52 9.57
N ASN A 883 6.99 14.55 9.37
CA ASN A 883 5.53 14.43 9.38
C ASN A 883 4.97 13.39 8.46
N LEU A 884 5.41 13.41 7.20
CA LEU A 884 4.92 12.46 6.19
C LEU A 884 5.01 11.03 6.70
N LEU A 885 6.22 10.65 7.13
CA LEU A 885 6.52 9.28 7.56
C LEU A 885 5.62 8.80 8.70
N ILE A 886 5.23 9.72 9.57
CA ILE A 886 4.33 9.39 10.68
C ILE A 886 2.91 9.10 10.19
N ILE A 887 2.36 10.02 9.39
CA ILE A 887 1.00 9.87 8.86
C ILE A 887 0.83 8.63 7.97
N LEU A 888 1.93 8.16 7.37
CA LEU A 888 1.92 6.84 6.78
C LEU A 888 1.77 5.84 7.90
N PHE A 889 2.87 5.59 8.62
CA PHE A 889 2.93 4.61 9.69
C PHE A 889 1.58 4.42 10.40
N SER A 890 1.01 5.52 10.88
CA SER A 890 -0.23 5.44 11.65
C SER A 890 -1.33 4.80 10.83
N MET A 891 -1.56 5.33 9.63
CA MET A 891 -2.47 4.72 8.66
C MET A 891 -2.05 3.26 8.41
N MET A 892 -0.75 3.07 8.17
CA MET A 892 -0.17 1.76 7.85
C MET A 892 -0.51 0.69 8.87
N LEU A 893 -0.48 1.05 10.15
CA LEU A 893 -0.82 0.11 11.19
C LEU A 893 -2.33 -0.05 11.24
N MET A 894 -3.04 1.07 11.22
CA MET A 894 -4.50 1.06 11.36
C MET A 894 -5.15 0.16 10.31
N THR A 895 -4.68 0.24 9.07
CA THR A 895 -5.28 -0.54 7.98
C THR A 895 -4.69 -1.93 7.81
N GLY A 896 -3.51 -2.14 8.38
CA GLY A 896 -2.75 -3.36 8.10
C GLY A 896 -2.61 -4.39 9.20
N MET A 897 -2.26 -3.94 10.41
CA MET A 897 -1.71 -4.83 11.45
C MET A 897 -2.72 -5.35 12.49
N PRO A 898 -2.25 -6.18 13.45
CA PRO A 898 -3.16 -6.83 14.41
C PRO A 898 -3.83 -5.89 15.43
N GLN A 899 -3.40 -5.97 16.70
CA GLN A 899 -4.00 -5.19 17.79
C GLN A 899 -3.02 -4.13 18.31
N LEU A 900 -2.64 -3.24 17.40
CA LEU A 900 -1.73 -2.13 17.67
C LEU A 900 -2.31 -1.14 18.68
N THR A 901 -1.51 -0.77 19.68
CA THR A 901 -1.95 0.20 20.68
C THR A 901 -1.93 1.59 20.06
N SER A 902 -3.09 2.24 20.10
CA SER A 902 -3.25 3.63 19.62
C SER A 902 -2.34 4.63 20.35
N LYS A 903 -1.36 4.10 21.09
CA LYS A 903 -0.21 4.88 21.52
C LYS A 903 1.04 4.03 21.26
N GLU A 904 1.31 3.09 22.16
CA GLU A 904 2.55 2.28 22.17
C GLU A 904 3.18 2.07 20.78
N ASP A 905 2.58 1.18 19.99
CA ASP A 905 3.13 0.82 18.68
C ASP A 905 3.14 1.98 17.69
N ILE A 906 2.05 2.75 17.70
CA ILE A 906 1.92 3.93 16.86
C ILE A 906 3.04 4.93 17.22
N GLU A 907 3.46 4.90 18.48
CA GLU A 907 4.45 5.85 18.95
C GLU A 907 5.84 5.58 18.36
N TYR A 908 6.34 4.35 18.49
CA TYR A 908 7.75 3.99 18.18
C TYR A 908 8.46 4.88 17.15
N ILE A 909 7.80 5.11 16.00
CA ILE A 909 8.34 5.92 14.91
C ILE A 909 8.71 7.35 15.34
N ARG A 910 7.92 7.93 16.25
CA ARG A 910 8.24 9.22 16.88
C ARG A 910 9.69 9.23 17.39
N ASP A 911 10.05 8.19 18.13
CA ASP A 911 11.38 8.06 18.74
C ASP A 911 12.44 7.92 17.65
N ALA A 912 12.16 7.04 16.68
CA ALA A 912 13.08 6.76 15.59
C ALA A 912 13.46 8.03 14.83
N LEU A 913 12.47 8.88 14.58
CA LEU A 913 12.67 10.12 13.84
C LEU A 913 13.06 11.24 14.78
N THR A 914 12.93 10.97 16.08
CA THR A 914 13.40 11.84 17.16
C THR A 914 13.04 13.32 16.95
N VAL A 915 11.74 13.55 16.78
CA VAL A 915 11.16 14.90 16.68
C VAL A 915 11.71 15.81 17.78
N GLY A 916 11.96 17.07 17.44
CA GLY A 916 12.37 18.06 18.43
C GLY A 916 13.87 18.25 18.50
N LYS A 917 14.59 17.16 18.76
CA LYS A 917 16.05 17.20 18.87
C LYS A 917 16.63 17.81 17.59
N ASN A 918 17.19 19.01 17.71
CA ASN A 918 17.78 19.72 16.58
C ASN A 918 18.90 18.92 15.92
N GLU A 919 19.19 19.26 14.67
CA GLU A 919 20.05 18.45 13.78
C GLU A 919 21.32 17.84 14.39
N GLU A 920 22.10 18.63 15.11
CA GLU A 920 23.37 18.14 15.66
C GLU A 920 23.20 17.02 16.69
N ASP A 921 22.03 16.97 17.33
CA ASP A 921 21.75 15.92 18.33
C ASP A 921 21.45 14.58 17.66
N ALA A 922 20.58 14.62 16.64
CA ALA A 922 20.17 13.44 15.89
C ALA A 922 21.27 12.89 14.97
N LYS A 923 22.10 13.79 14.44
CA LYS A 923 23.25 13.43 13.61
C LYS A 923 24.20 12.52 14.38
N LYS A 924 24.34 12.81 15.68
CA LYS A 924 25.10 11.98 16.60
C LYS A 924 24.32 10.70 16.93
N TYR A 925 23.03 10.88 17.23
CA TYR A 925 22.16 9.77 17.64
C TYR A 925 22.22 8.57 16.70
N PHE A 926 22.29 8.84 15.40
CA PHE A 926 22.37 7.77 14.42
C PHE A 926 23.78 7.19 14.37
N LEU A 927 24.79 8.07 14.42
CA LEU A 927 26.20 7.64 14.43
C LEU A 927 26.46 6.73 15.63
N ASP A 928 25.74 6.99 16.71
CA ASP A 928 25.85 6.21 17.94
C ASP A 928 24.93 4.99 17.92
N GLN A 929 23.84 5.08 17.15
CA GLN A 929 22.99 3.92 16.92
C GLN A 929 23.71 2.82 16.14
N ILE A 930 24.67 3.22 15.31
CA ILE A 930 25.54 2.29 14.60
C ILE A 930 26.46 1.60 15.61
N GLU A 931 26.81 2.33 16.66
CA GLU A 931 27.63 1.81 17.74
C GLU A 931 26.85 0.83 18.60
N VAL A 932 25.56 1.10 18.81
CA VAL A 932 24.67 0.17 19.50
C VAL A 932 24.77 -1.21 18.84
N CYS A 933 24.87 -1.22 17.51
CA CYS A 933 25.12 -2.44 16.74
C CYS A 933 26.58 -2.89 16.89
N ARG A 934 27.50 -1.96 16.73
CA ARG A 934 28.92 -2.28 16.71
C ARG A 934 29.45 -2.50 18.13
N ASP A 935 28.71 -3.30 18.90
CA ASP A 935 29.12 -3.74 20.24
C ASP A 935 28.55 -5.14 20.57
N LYS A 936 27.72 -5.66 19.67
CA LYS A 936 27.01 -6.93 19.90
C LYS A 936 27.54 -8.11 19.09
N GLY A 937 27.91 -7.86 17.82
CA GLY A 937 28.46 -8.89 16.95
C GLY A 937 27.44 -9.88 16.39
N TRP A 938 27.74 -11.18 16.52
CA TRP A 938 26.86 -12.24 16.05
C TRP A 938 25.90 -12.69 17.15
N THR A 939 26.22 -12.31 18.40
CA THR A 939 25.48 -12.72 19.60
C THR A 939 23.98 -12.64 19.43
N VAL A 940 23.54 -11.73 18.56
CA VAL A 940 22.14 -11.54 18.27
C VAL A 940 21.69 -12.62 17.30
N GLN A 941 22.37 -12.70 16.17
CA GLN A 941 22.02 -13.62 15.08
C GLN A 941 22.17 -15.08 15.50
N PHE A 942 23.24 -15.35 16.25
CA PHE A 942 23.49 -16.69 16.80
C PHE A 942 22.40 -17.08 17.81
N ASN A 943 21.84 -16.08 18.50
CA ASN A 943 20.67 -16.32 19.36
C ASN A 943 19.41 -16.57 18.53
N TRP A 944 19.41 -16.09 17.28
CA TRP A 944 18.36 -16.46 16.33
C TRP A 944 18.65 -17.82 15.69
N PHE A 945 19.91 -18.25 15.73
CA PHE A 945 20.28 -19.58 15.23
C PHE A 945 19.80 -20.67 16.18
N LEU A 946 20.18 -20.56 17.45
CA LEU A 946 19.75 -21.48 18.49
C LEU A 946 18.29 -21.26 18.92
N HIS A 947 17.68 -20.19 18.42
CA HIS A 947 16.23 -19.99 18.56
C HIS A 947 15.54 -21.12 17.83
N LEU A 948 16.17 -21.60 16.77
CA LEU A 948 15.76 -22.82 16.09
C LEU A 948 16.41 -24.03 16.78
N VAL A 949 15.84 -25.21 16.55
CA VAL A 949 16.36 -26.48 17.08
C VAL A 949 16.49 -26.53 18.61
N LEU A 950 15.39 -26.90 19.28
CA LEU A 950 15.34 -27.13 20.73
C LEU A 950 15.53 -25.88 21.62
N GLY A 951 14.54 -24.98 21.60
CA GLY A 951 14.49 -23.83 22.51
C GLY A 951 13.04 -23.50 22.92
N ILE A 952 12.47 -24.37 23.76
CA ILE A 952 11.07 -24.27 24.19
C ILE A 952 10.84 -23.07 25.12
CAV 7L0 B . 17.41 -15.71 -6.49
CAU 7L0 B . 16.24 -15.56 -5.53
OAW 7L0 B . 15.79 -16.55 -4.94
NAT 7L0 B . 15.77 -14.32 -5.40
CAN 7L0 B . 14.74 -13.93 -4.62
NAO 7L0 B . 14.13 -12.74 -4.70
NAM 7L0 B . 14.16 -14.67 -3.67
NAD 7L0 B . 13.26 -14.01 -3.15
CAC 7L0 B . 12.35 -14.34 -2.10
CAE 7L0 B . 13.19 -12.77 -3.78
CAF 7L0 B . 12.25 -11.84 -3.37
CAG 7L0 B . 11.37 -12.17 -2.35
CAB 7L0 B . 11.41 -13.41 -1.71
CAA 7L0 B . 10.48 -13.67 -0.70
CAL 7L0 B . 10.03 -14.98 -0.46
CAH 7L0 B . 9.92 -12.62 0.03
NAI 7L0 B . 9.01 -12.85 0.96
CAJ 7L0 B . 8.58 -14.07 1.22
CAK 7L0 B . 9.07 -15.18 0.53
SAP 7L0 B . 8.47 -16.79 0.95
CAQ 7L0 B . 8.37 -17.77 -0.54
OAS 7L0 B . 7.09 -16.69 1.55
OAR 7L0 B . 9.36 -17.43 1.97
#